data_1JD1
#
_entry.id   1JD1
#
_cell.length_a   78.180
_cell.length_b   64.100
_cell.length_c   80.850
_cell.angle_alpha   90.00
_cell.angle_beta   90.63
_cell.angle_gamma   90.00
#
_symmetry.space_group_name_H-M   'P 1 21 1'
#
loop_
_entity.id
_entity.type
_entity.pdbx_description
1 polymer 'HYPOTHETICAL 13.9 KDA PROTEIN IN FCY2-PET117 INTERGENIC REGION'
2 water water
#
_entity_poly.entity_id   1
_entity_poly.type   'polypeptide(L)'
_entity_poly.pdbx_seq_one_letter_code
;MVTTLTPVICESAPAAAASYSHAMKVNNLIFLSGQIPVTPDNKLVEGSIADKAEQVIQNIKNVLEASNSSLDRVVKVNIF
LADINHFAEFNSVYAKYFNTHKPARSCVAVAALPLGVDMEMEAIAAERD
;
_entity_poly.pdbx_strand_id   A,B,C,D,E,F
#
# COMPACT_ATOMS: atom_id res chain seq x y z
N THR A 3 19.71 -25.00 -29.48
CA THR A 3 19.22 -23.70 -28.93
C THR A 3 19.19 -22.62 -29.99
N THR A 4 18.01 -22.06 -30.24
CA THR A 4 17.86 -20.99 -31.22
C THR A 4 17.56 -19.68 -30.50
N LEU A 5 18.30 -18.64 -30.85
CA LEU A 5 18.12 -17.33 -30.27
C LEU A 5 17.49 -16.45 -31.34
N THR A 6 16.31 -15.90 -31.04
CA THR A 6 15.64 -15.06 -32.01
C THR A 6 15.33 -13.70 -31.44
N PRO A 7 16.00 -12.65 -31.93
CA PRO A 7 15.74 -11.31 -31.44
C PRO A 7 14.37 -10.89 -31.94
N VAL A 8 13.64 -10.12 -31.14
CA VAL A 8 12.33 -9.64 -31.53
C VAL A 8 12.34 -8.13 -31.62
N ILE A 9 11.91 -7.61 -32.77
CA ILE A 9 11.83 -6.18 -32.97
C ILE A 9 10.34 -5.84 -32.96
N CYS A 10 9.92 -5.05 -31.98
CA CYS A 10 8.52 -4.68 -31.90
C CYS A 10 8.34 -3.22 -32.33
N GLU A 11 7.75 -3.06 -33.51
CA GLU A 11 7.50 -1.74 -34.09
C GLU A 11 6.57 -0.85 -33.28
N SER A 12 5.60 -1.46 -32.59
CA SER A 12 4.65 -0.69 -31.80
C SER A 12 5.14 -0.30 -30.40
N ALA A 13 6.37 -0.66 -30.07
CA ALA A 13 6.94 -0.32 -28.77
C ALA A 13 7.90 0.86 -28.97
N PRO A 14 8.28 1.57 -27.90
CA PRO A 14 9.21 2.68 -28.08
C PRO A 14 10.53 2.11 -28.63
N ALA A 15 11.25 2.92 -29.39
CA ALA A 15 12.53 2.48 -29.94
C ALA A 15 13.46 2.18 -28.77
N ALA A 16 14.29 1.16 -28.91
CA ALA A 16 15.24 0.82 -27.85
C ALA A 16 16.11 2.04 -27.51
N ALA A 17 16.31 2.30 -26.22
CA ALA A 17 17.11 3.44 -25.80
C ALA A 17 18.61 3.16 -25.83
N ALA A 18 18.97 1.91 -26.07
CA ALA A 18 20.39 1.52 -26.17
C ALA A 18 20.49 0.27 -27.02
N SER A 19 21.65 -0.36 -27.04
CA SER A 19 21.84 -1.53 -27.87
C SER A 19 21.24 -2.81 -27.33
N TYR A 20 19.92 -2.92 -27.44
CA TYR A 20 19.20 -4.10 -26.98
C TYR A 20 17.97 -4.37 -27.85
N SER A 21 17.49 -5.61 -27.82
CA SER A 21 16.30 -5.99 -28.60
C SER A 21 15.09 -5.81 -27.67
N HIS A 22 13.90 -5.60 -28.24
CA HIS A 22 12.70 -5.46 -27.41
C HIS A 22 12.52 -6.75 -26.62
N ALA A 23 12.88 -7.87 -27.24
CA ALA A 23 12.83 -9.16 -26.59
C ALA A 23 13.79 -10.12 -27.27
N MET A 24 14.13 -11.20 -26.57
CA MET A 24 15.00 -12.22 -27.12
C MET A 24 14.39 -13.56 -26.78
N LYS A 25 14.15 -14.38 -27.80
CA LYS A 25 13.60 -15.69 -27.55
C LYS A 25 14.71 -16.72 -27.56
N VAL A 26 14.73 -17.58 -26.55
CA VAL A 26 15.71 -18.65 -26.48
C VAL A 26 14.82 -19.89 -26.41
N ASN A 27 14.71 -20.55 -27.55
CA ASN A 27 13.83 -21.71 -27.71
C ASN A 27 12.41 -21.27 -27.36
N ASN A 28 11.80 -21.84 -26.33
CA ASN A 28 10.43 -21.47 -26.00
C ASN A 28 10.28 -20.36 -24.95
N LEU A 29 11.38 -19.87 -24.39
CA LEU A 29 11.30 -18.80 -23.40
C LEU A 29 11.58 -17.47 -24.07
N ILE A 30 10.94 -16.42 -23.57
CA ILE A 30 11.10 -15.09 -24.12
C ILE A 30 11.52 -14.12 -23.01
N PHE A 31 12.65 -13.45 -23.19
CA PHE A 31 13.07 -12.47 -22.19
C PHE A 31 12.77 -11.09 -22.73
N LEU A 32 11.94 -10.35 -22.02
CA LEU A 32 11.58 -9.00 -22.44
C LEU A 32 12.40 -7.92 -21.76
N SER A 33 12.80 -6.92 -22.55
CA SER A 33 13.54 -5.78 -22.03
C SER A 33 12.64 -4.91 -21.18
N GLY A 34 13.25 -4.13 -20.28
CA GLY A 34 12.51 -3.26 -19.42
C GLY A 34 11.76 -2.20 -20.23
N GLN A 35 10.46 -2.09 -19.98
CA GLN A 35 9.63 -1.09 -20.65
C GLN A 35 9.36 0.06 -19.70
N ILE A 36 9.30 1.27 -20.25
CA ILE A 36 9.05 2.47 -19.46
C ILE A 36 7.80 3.16 -19.98
N PRO A 37 7.28 4.15 -19.24
CA PRO A 37 6.07 4.85 -19.68
C PRO A 37 6.33 5.91 -20.77
N VAL A 38 6.49 5.41 -21.99
CA VAL A 38 6.77 6.21 -23.18
C VAL A 38 5.86 5.63 -24.25
N THR A 39 5.30 6.50 -25.10
CA THR A 39 4.39 6.04 -26.15
C THR A 39 5.17 5.43 -27.31
N PRO A 40 4.47 4.75 -28.24
CA PRO A 40 5.17 4.16 -29.38
C PRO A 40 5.84 5.27 -30.18
N ASP A 41 5.36 6.50 -29.99
CA ASP A 41 5.86 7.69 -30.68
C ASP A 41 6.99 8.36 -29.89
N ASN A 42 7.55 7.62 -28.94
CA ASN A 42 8.65 8.09 -28.12
C ASN A 42 8.43 9.34 -27.27
N LYS A 43 7.18 9.58 -26.89
CA LYS A 43 6.87 10.72 -26.04
C LYS A 43 6.65 10.16 -24.64
N LEU A 44 7.16 10.87 -23.63
CA LEU A 44 7.00 10.44 -22.24
C LEU A 44 5.58 10.73 -21.78
N VAL A 45 4.90 9.70 -21.28
CA VAL A 45 3.54 9.86 -20.79
C VAL A 45 3.51 10.87 -19.65
N GLU A 46 2.53 11.77 -19.69
CA GLU A 46 2.36 12.75 -18.64
C GLU A 46 1.01 12.43 -18.03
N GLY A 47 0.86 12.62 -16.72
CA GLY A 47 -0.42 12.31 -16.10
C GLY A 47 -0.24 11.57 -14.79
N SER A 48 -1.19 10.68 -14.50
CA SER A 48 -1.14 9.93 -13.25
C SER A 48 -0.28 8.68 -13.33
N ILE A 49 -0.02 8.09 -12.17
CA ILE A 49 0.75 6.87 -12.07
C ILE A 49 -0.01 5.81 -12.82
N ALA A 50 -1.34 5.83 -12.71
CA ALA A 50 -2.15 4.85 -13.43
C ALA A 50 -1.96 5.00 -14.96
N ASP A 51 -1.94 6.23 -15.47
CA ASP A 51 -1.76 6.45 -16.90
C ASP A 51 -0.41 5.91 -17.37
N LYS A 52 0.62 6.12 -16.56
CA LYS A 52 1.96 5.63 -16.90
C LYS A 52 1.99 4.11 -16.84
N ALA A 53 1.40 3.55 -15.78
CA ALA A 53 1.34 2.10 -15.62
C ALA A 53 0.63 1.47 -16.82
N GLU A 54 -0.46 2.10 -17.28
CA GLU A 54 -1.19 1.60 -18.44
C GLU A 54 -0.31 1.56 -19.69
N GLN A 55 0.51 2.58 -19.90
CA GLN A 55 1.37 2.62 -21.09
C GLN A 55 2.47 1.57 -21.03
N VAL A 56 3.01 1.35 -19.83
CA VAL A 56 4.05 0.35 -19.66
C VAL A 56 3.51 -1.04 -19.94
N ILE A 57 2.32 -1.32 -19.41
CA ILE A 57 1.73 -2.63 -19.64
C ILE A 57 1.32 -2.83 -21.10
N GLN A 58 0.90 -1.77 -21.77
CA GLN A 58 0.54 -1.87 -23.17
C GLN A 58 1.81 -2.13 -24.00
N ASN A 59 2.91 -1.48 -23.63
CA ASN A 59 4.18 -1.69 -24.33
C ASN A 59 4.56 -3.17 -24.16
N ILE A 60 4.49 -3.67 -22.92
CA ILE A 60 4.78 -5.07 -22.67
C ILE A 60 3.83 -5.96 -23.48
N LYS A 61 2.57 -5.56 -23.55
CA LYS A 61 1.59 -6.34 -24.30
C LYS A 61 1.97 -6.45 -25.78
N ASN A 62 2.39 -5.33 -26.36
CA ASN A 62 2.78 -5.30 -27.77
C ASN A 62 4.03 -6.14 -28.02
N VAL A 63 4.97 -6.10 -27.08
CA VAL A 63 6.19 -6.88 -27.24
C VAL A 63 5.83 -8.37 -27.13
N LEU A 64 4.93 -8.71 -26.22
CA LEU A 64 4.50 -10.10 -26.08
C LEU A 64 3.87 -10.58 -27.39
N GLU A 65 3.04 -9.74 -27.99
CA GLU A 65 2.37 -10.07 -29.24
C GLU A 65 3.39 -10.30 -30.34
N ALA A 66 4.33 -9.37 -30.45
CA ALA A 66 5.38 -9.49 -31.45
C ALA A 66 6.22 -10.75 -31.27
N SER A 67 6.34 -11.22 -30.02
CA SER A 67 7.13 -12.41 -29.69
C SER A 67 6.35 -13.73 -29.76
N ASN A 68 5.12 -13.68 -30.26
CA ASN A 68 4.27 -14.88 -30.36
C ASN A 68 3.90 -15.41 -28.97
N SER A 69 3.53 -14.48 -28.09
CA SER A 69 3.14 -14.82 -26.73
C SER A 69 1.96 -13.93 -26.36
N SER A 70 1.61 -13.92 -25.08
CA SER A 70 0.48 -13.14 -24.58
C SER A 70 0.66 -12.90 -23.09
N LEU A 71 -0.14 -12.01 -22.51
CA LEU A 71 -0.07 -11.73 -21.09
C LEU A 71 -0.33 -12.97 -20.24
N ASP A 72 -1.25 -13.80 -20.69
CA ASP A 72 -1.59 -14.99 -19.92
C ASP A 72 -0.50 -16.07 -20.00
N ARG A 73 0.58 -15.77 -20.72
CA ARG A 73 1.72 -16.69 -20.84
C ARG A 73 2.96 -16.09 -20.17
N VAL A 74 2.76 -15.01 -19.41
CA VAL A 74 3.89 -14.38 -18.72
C VAL A 74 4.24 -15.24 -17.50
N VAL A 75 5.53 -15.50 -17.33
CA VAL A 75 6.01 -16.32 -16.24
C VAL A 75 6.40 -15.52 -14.99
N LYS A 76 7.22 -14.49 -15.20
CA LYS A 76 7.76 -13.67 -14.12
C LYS A 76 7.84 -12.22 -14.57
N VAL A 77 7.52 -11.32 -13.65
CA VAL A 77 7.57 -9.89 -13.91
C VAL A 77 8.40 -9.24 -12.82
N ASN A 78 9.26 -8.29 -13.21
CA ASN A 78 10.01 -7.53 -12.25
C ASN A 78 9.66 -6.07 -12.44
N ILE A 79 9.29 -5.42 -11.33
CA ILE A 79 8.94 -4.01 -11.35
C ILE A 79 9.99 -3.19 -10.63
N PHE A 80 10.37 -2.07 -11.23
CA PHE A 80 11.32 -1.15 -10.62
C PHE A 80 10.61 0.21 -10.54
N LEU A 81 10.37 0.70 -9.33
CA LEU A 81 9.68 1.98 -9.16
C LEU A 81 10.65 3.07 -8.79
N ALA A 82 10.41 4.28 -9.29
CA ALA A 82 11.28 5.39 -8.95
C ALA A 82 10.89 5.92 -7.56
N ASP A 83 9.69 5.56 -7.11
CA ASP A 83 9.15 5.98 -5.80
C ASP A 83 8.31 4.83 -5.21
N ILE A 84 8.71 4.29 -4.06
CA ILE A 84 7.94 3.19 -3.46
C ILE A 84 6.50 3.60 -3.18
N ASN A 85 6.25 4.89 -3.03
CA ASN A 85 4.90 5.35 -2.75
C ASN A 85 3.91 5.22 -3.91
N HIS A 86 4.40 4.78 -5.07
CA HIS A 86 3.55 4.58 -6.25
C HIS A 86 3.11 3.12 -6.33
N PHE A 87 3.55 2.32 -5.36
CA PHE A 87 3.24 0.89 -5.28
C PHE A 87 1.73 0.59 -5.45
N ALA A 88 0.92 1.15 -4.55
CA ALA A 88 -0.52 0.88 -4.59
C ALA A 88 -1.19 1.26 -5.92
N GLU A 89 -0.90 2.44 -6.43
CA GLU A 89 -1.51 2.89 -7.68
C GLU A 89 -1.07 1.98 -8.84
N PHE A 90 0.22 1.65 -8.87
CA PHE A 90 0.70 0.78 -9.93
C PHE A 90 -0.01 -0.56 -9.80
N ASN A 91 -0.04 -1.12 -8.60
CA ASN A 91 -0.68 -2.42 -8.39
C ASN A 91 -2.12 -2.48 -8.86
N SER A 92 -2.86 -1.39 -8.69
CA SER A 92 -4.25 -1.37 -9.11
C SER A 92 -4.39 -1.58 -10.62
N VAL A 93 -3.55 -0.92 -11.41
CA VAL A 93 -3.60 -1.10 -12.87
C VAL A 93 -3.09 -2.50 -13.22
N TYR A 94 -1.98 -2.89 -12.59
CA TYR A 94 -1.38 -4.20 -12.81
C TYR A 94 -2.42 -5.32 -12.68
N ALA A 95 -3.23 -5.24 -11.62
CA ALA A 95 -4.24 -6.26 -11.32
C ALA A 95 -5.28 -6.45 -12.42
N LYS A 96 -5.48 -5.43 -13.25
CA LYS A 96 -6.45 -5.49 -14.34
C LYS A 96 -6.00 -6.50 -15.39
N TYR A 97 -4.70 -6.48 -15.70
CA TYR A 97 -4.15 -7.36 -16.73
C TYR A 97 -3.70 -8.73 -16.23
N PHE A 98 -3.42 -8.83 -14.93
CA PHE A 98 -3.02 -10.10 -14.35
C PHE A 98 -4.00 -10.44 -13.23
N ASN A 99 -5.13 -11.01 -13.65
CA ASN A 99 -6.18 -11.36 -12.70
C ASN A 99 -6.25 -12.88 -12.57
N THR A 100 -6.83 -13.53 -13.56
CA THR A 100 -6.93 -14.98 -13.52
C THR A 100 -5.53 -15.56 -13.57
N HIS A 101 -4.67 -14.96 -14.40
CA HIS A 101 -3.28 -15.42 -14.52
C HIS A 101 -2.37 -14.48 -13.73
N LYS A 102 -1.71 -15.04 -12.73
CA LYS A 102 -0.85 -14.25 -11.86
C LYS A 102 0.62 -14.70 -11.88
N PRO A 103 1.44 -14.02 -12.67
CA PRO A 103 2.87 -14.33 -12.80
C PRO A 103 3.59 -14.19 -11.46
N ALA A 104 4.76 -14.82 -11.34
CA ALA A 104 5.58 -14.65 -10.16
C ALA A 104 5.98 -13.18 -10.34
N ARG A 105 6.39 -12.50 -9.26
CA ARG A 105 6.73 -11.07 -9.40
C ARG A 105 7.65 -10.57 -8.29
N SER A 106 8.37 -9.50 -8.60
CA SER A 106 9.21 -8.82 -7.62
C SER A 106 9.01 -7.35 -7.89
N CYS A 107 9.21 -6.54 -6.86
CA CYS A 107 9.03 -5.11 -6.97
C CYS A 107 9.92 -4.40 -5.95
N VAL A 108 10.70 -3.44 -6.43
CA VAL A 108 11.59 -2.68 -5.57
C VAL A 108 11.56 -1.24 -6.06
N ALA A 109 11.96 -0.31 -5.21
CA ALA A 109 12.03 1.08 -5.60
C ALA A 109 13.51 1.39 -5.75
N VAL A 110 13.87 1.98 -6.88
CA VAL A 110 15.26 2.31 -7.13
C VAL A 110 15.49 3.81 -7.03
N ALA A 111 16.74 4.23 -7.18
CA ALA A 111 17.07 5.65 -7.08
C ALA A 111 16.60 6.47 -8.29
N ALA A 112 16.75 5.93 -9.49
CA ALA A 112 16.35 6.65 -10.71
C ALA A 112 16.29 5.69 -11.89
N LEU A 113 15.56 6.09 -12.92
CA LEU A 113 15.40 5.28 -14.12
C LEU A 113 15.74 6.09 -15.38
N PRO A 114 16.02 5.39 -16.50
CA PRO A 114 16.35 6.09 -17.75
C PRO A 114 15.29 7.11 -18.11
N LEU A 115 15.74 8.24 -18.63
CA LEU A 115 14.85 9.33 -19.06
C LEU A 115 14.02 9.89 -17.93
N GLY A 116 14.43 9.58 -16.70
CA GLY A 116 13.76 10.07 -15.51
C GLY A 116 12.32 9.61 -15.32
N VAL A 117 11.95 8.46 -15.88
CA VAL A 117 10.58 7.98 -15.73
C VAL A 117 10.31 7.44 -14.33
N ASP A 118 9.04 7.17 -14.03
CA ASP A 118 8.65 6.70 -12.71
C ASP A 118 8.66 5.18 -12.50
N MET A 119 8.69 4.40 -13.58
CA MET A 119 8.72 2.96 -13.45
C MET A 119 9.28 2.24 -14.68
N GLU A 120 9.79 1.02 -14.46
CA GLU A 120 10.32 0.20 -15.54
C GLU A 120 9.87 -1.23 -15.25
N MET A 121 9.32 -1.88 -16.26
CA MET A 121 8.82 -3.25 -16.10
C MET A 121 9.40 -4.22 -17.12
N GLU A 122 9.98 -5.30 -16.63
CA GLU A 122 10.53 -6.32 -17.50
C GLU A 122 9.75 -7.60 -17.20
N ALA A 123 9.89 -8.60 -18.06
CA ALA A 123 9.19 -9.86 -17.88
C ALA A 123 9.84 -11.00 -18.65
N ILE A 124 9.44 -12.22 -18.31
CA ILE A 124 9.90 -13.43 -18.96
C ILE A 124 8.58 -14.11 -19.28
N ALA A 125 8.45 -14.61 -20.50
CA ALA A 125 7.20 -15.24 -20.90
C ALA A 125 7.44 -16.50 -21.71
N ALA A 126 6.39 -17.30 -21.89
CA ALA A 126 6.47 -18.53 -22.66
C ALA A 126 5.90 -18.28 -24.05
N GLU A 127 6.54 -18.81 -25.09
CA GLU A 127 5.97 -18.63 -26.42
C GLU A 127 4.76 -19.59 -26.53
N ARG A 128 3.81 -19.27 -27.41
CA ARG A 128 2.60 -20.08 -27.68
C ARG A 128 2.97 -21.41 -28.33
N THR B 3 5.16 -26.30 -23.89
CA THR B 3 5.49 -25.43 -22.71
C THR B 3 4.31 -25.32 -21.75
N THR B 4 4.47 -25.84 -20.54
CA THR B 4 3.41 -25.81 -19.55
C THR B 4 3.71 -24.81 -18.43
N LEU B 5 2.72 -23.97 -18.09
CA LEU B 5 2.89 -23.00 -17.01
C LEU B 5 2.08 -23.44 -15.80
N THR B 6 2.73 -23.59 -14.66
CA THR B 6 2.01 -24.01 -13.46
C THR B 6 2.28 -23.09 -12.27
N PRO B 7 1.25 -22.34 -11.85
CA PRO B 7 1.48 -21.46 -10.70
C PRO B 7 1.64 -22.21 -9.38
N VAL B 8 2.25 -21.54 -8.41
CA VAL B 8 2.46 -22.10 -7.09
C VAL B 8 2.01 -21.12 -6.03
N ILE B 9 1.17 -21.60 -5.12
CA ILE B 9 0.74 -20.76 -4.01
C ILE B 9 0.76 -21.63 -2.77
N CYS B 10 1.54 -21.24 -1.77
CA CYS B 10 1.57 -22.06 -0.56
C CYS B 10 1.24 -21.25 0.69
N GLU B 11 0.51 -21.88 1.60
CA GLU B 11 0.09 -21.22 2.82
C GLU B 11 1.20 -20.91 3.81
N SER B 12 2.34 -21.59 3.71
CA SER B 12 3.43 -21.32 4.65
C SER B 12 4.36 -20.17 4.22
N ALA B 13 3.84 -19.30 3.37
CA ALA B 13 4.59 -18.14 2.92
C ALA B 13 3.57 -17.03 3.10
N PRO B 14 4.03 -15.77 3.29
CA PRO B 14 3.13 -14.63 3.47
C PRO B 14 2.20 -14.48 2.27
N ALA B 15 0.98 -14.02 2.50
CA ALA B 15 0.04 -13.80 1.40
C ALA B 15 0.65 -12.74 0.47
N ALA B 16 0.45 -12.93 -0.83
CA ALA B 16 0.97 -11.98 -1.82
C ALA B 16 0.44 -10.56 -1.56
N ALA B 17 1.33 -9.57 -1.62
CA ALA B 17 0.96 -8.18 -1.38
C ALA B 17 0.33 -7.53 -2.61
N ALA B 18 0.32 -8.25 -3.72
CA ALA B 18 -0.26 -7.72 -4.95
C ALA B 18 -0.69 -8.93 -5.76
N SER B 19 -1.07 -8.72 -7.01
CA SER B 19 -1.54 -9.81 -7.86
C SER B 19 -0.46 -10.71 -8.45
N TYR B 20 0.05 -11.63 -7.63
CA TYR B 20 1.10 -12.53 -8.06
C TYR B 20 1.06 -13.87 -7.33
N SER B 21 1.59 -14.91 -7.96
CA SER B 21 1.67 -16.23 -7.36
C SER B 21 2.99 -16.27 -6.59
N HIS B 22 3.15 -17.20 -5.66
CA HIS B 22 4.42 -17.28 -4.93
C HIS B 22 5.54 -17.69 -5.89
N ALA B 23 5.21 -18.55 -6.86
CA ALA B 23 6.15 -18.98 -7.90
C ALA B 23 5.39 -19.40 -9.14
N MET B 24 6.10 -19.49 -10.25
CA MET B 24 5.49 -19.92 -11.50
C MET B 24 6.46 -20.89 -12.15
N LYS B 25 5.98 -22.10 -12.46
CA LYS B 25 6.85 -23.06 -13.13
C LYS B 25 6.60 -22.97 -14.62
N VAL B 26 7.66 -23.00 -15.40
CA VAL B 26 7.58 -23.01 -16.85
C VAL B 26 8.38 -24.27 -17.14
N ASN B 27 7.66 -25.33 -17.51
CA ASN B 27 8.26 -26.63 -17.72
C ASN B 27 8.95 -26.96 -16.40
N ASN B 28 10.25 -27.20 -16.40
CA ASN B 28 10.95 -27.58 -15.16
C ASN B 28 11.68 -26.44 -14.44
N LEU B 29 11.51 -25.22 -14.92
CA LEU B 29 12.18 -24.06 -14.33
C LEU B 29 11.15 -23.32 -13.46
N ILE B 30 11.56 -23.00 -12.23
CA ILE B 30 10.68 -22.33 -11.27
C ILE B 30 11.14 -20.89 -10.97
N PHE B 31 10.28 -19.93 -11.26
CA PHE B 31 10.60 -18.54 -10.97
C PHE B 31 9.84 -18.16 -9.69
N LEU B 32 10.60 -17.85 -8.63
CA LEU B 32 10.01 -17.48 -7.36
C LEU B 32 9.86 -15.97 -7.19
N SER B 33 8.74 -15.56 -6.61
CA SER B 33 8.47 -14.15 -6.36
C SER B 33 9.36 -13.62 -5.23
N GLY B 34 9.59 -12.31 -5.23
CA GLY B 34 10.37 -11.70 -4.18
C GLY B 34 9.74 -11.92 -2.82
N GLN B 35 10.56 -12.33 -1.85
CA GLN B 35 10.11 -12.56 -0.47
C GLN B 35 10.73 -11.53 0.45
N ILE B 36 9.93 -11.03 1.39
CA ILE B 36 10.40 -10.04 2.33
C ILE B 36 10.29 -10.64 3.74
N PRO B 37 10.92 -10.02 4.75
CA PRO B 37 10.90 -10.49 6.14
C PRO B 37 9.57 -10.27 6.85
N VAL B 38 8.64 -11.13 6.48
CA VAL B 38 7.27 -11.20 7.00
C VAL B 38 7.00 -12.67 7.26
N THR B 39 6.34 -12.98 8.38
CA THR B 39 6.05 -14.38 8.71
C THR B 39 4.87 -14.89 7.89
N PRO B 40 4.63 -16.22 7.90
CA PRO B 40 3.51 -16.76 7.14
C PRO B 40 2.15 -16.15 7.51
N ASP B 41 1.99 -15.74 8.77
CA ASP B 41 0.73 -15.11 9.19
C ASP B 41 0.78 -13.59 9.02
N ASN B 42 1.63 -13.18 8.09
CA ASN B 42 1.79 -11.78 7.70
C ASN B 42 2.25 -10.74 8.69
N LYS B 43 3.02 -11.15 9.69
CA LYS B 43 3.53 -10.21 10.66
C LYS B 43 4.96 -9.80 10.28
N LEU B 44 5.23 -8.51 10.34
CA LEU B 44 6.57 -7.99 10.04
C LEU B 44 7.57 -8.55 11.06
N VAL B 45 8.71 -9.03 10.59
CA VAL B 45 9.73 -9.57 11.47
C VAL B 45 10.45 -8.42 12.14
N GLU B 46 10.61 -8.53 13.46
CA GLU B 46 11.21 -7.50 14.30
C GLU B 46 12.73 -7.39 14.41
N GLY B 47 13.33 -8.33 15.14
CA GLY B 47 14.76 -8.35 15.40
C GLY B 47 15.88 -7.76 14.56
N SER B 48 16.95 -8.53 14.48
CA SER B 48 18.17 -8.20 13.77
C SER B 48 18.05 -8.53 12.29
N ILE B 49 19.08 -8.14 11.53
CA ILE B 49 19.10 -8.44 10.11
C ILE B 49 19.12 -9.98 10.01
N ALA B 50 19.77 -10.65 10.97
CA ALA B 50 19.82 -12.12 10.92
C ALA B 50 18.42 -12.71 11.07
N ASP B 51 17.63 -12.18 11.99
CA ASP B 51 16.26 -12.69 12.18
C ASP B 51 15.45 -12.47 10.90
N LYS B 52 15.62 -11.29 10.29
CA LYS B 52 14.90 -10.95 9.06
C LYS B 52 15.31 -11.87 7.88
N ALA B 53 16.62 -12.01 7.67
CA ALA B 53 17.10 -12.87 6.58
C ALA B 53 16.65 -14.30 6.81
N GLU B 54 16.66 -14.74 8.06
CA GLU B 54 16.25 -16.08 8.41
C GLU B 54 14.80 -16.31 7.94
N GLN B 55 13.92 -15.34 8.18
CA GLN B 55 12.51 -15.50 7.76
C GLN B 55 12.39 -15.49 6.24
N VAL B 56 13.16 -14.62 5.58
CA VAL B 56 13.14 -14.53 4.12
C VAL B 56 13.50 -15.87 3.47
N ILE B 57 14.58 -16.48 3.94
CA ILE B 57 15.00 -17.75 3.40
C ILE B 57 14.02 -18.88 3.76
N GLN B 58 13.46 -18.84 4.96
CA GLN B 58 12.47 -19.85 5.34
C GLN B 58 11.28 -19.76 4.36
N ASN B 59 10.86 -18.52 4.07
CA ASN B 59 9.77 -18.26 3.13
C ASN B 59 10.13 -18.88 1.76
N ILE B 60 11.36 -18.60 1.30
CA ILE B 60 11.85 -19.15 0.04
C ILE B 60 11.87 -20.69 0.11
N LYS B 61 12.37 -21.22 1.23
CA LYS B 61 12.44 -22.66 1.39
C LYS B 61 11.04 -23.27 1.29
N ASN B 62 10.07 -22.65 1.93
CA ASN B 62 8.72 -23.17 1.90
C ASN B 62 8.10 -23.13 0.52
N VAL B 63 8.39 -22.06 -0.23
CA VAL B 63 7.86 -21.94 -1.57
C VAL B 63 8.52 -23.00 -2.46
N LEU B 64 9.83 -23.22 -2.27
CA LEU B 64 10.54 -24.24 -3.05
C LEU B 64 9.93 -25.62 -2.82
N GLU B 65 9.62 -25.94 -1.56
CA GLU B 65 9.01 -27.23 -1.22
C GLU B 65 7.67 -27.38 -1.93
N ALA B 66 6.84 -26.34 -1.87
CA ALA B 66 5.53 -26.37 -2.54
C ALA B 66 5.69 -26.47 -4.07
N SER B 67 6.86 -26.08 -4.57
CA SER B 67 7.17 -26.11 -6.00
C SER B 67 7.85 -27.41 -6.46
N ASN B 68 8.03 -28.36 -5.55
CA ASN B 68 8.71 -29.63 -5.84
C ASN B 68 10.18 -29.36 -6.14
N SER B 69 10.79 -28.50 -5.32
CA SER B 69 12.20 -28.17 -5.49
C SER B 69 12.80 -28.09 -4.10
N SER B 70 14.02 -27.57 -4.02
CA SER B 70 14.72 -27.45 -2.75
C SER B 70 15.80 -26.39 -2.88
N LEU B 71 16.38 -26.01 -1.76
CA LEU B 71 17.45 -25.00 -1.76
C LEU B 71 18.63 -25.47 -2.59
N ASP B 72 18.90 -26.77 -2.55
CA ASP B 72 19.99 -27.36 -3.32
C ASP B 72 19.73 -27.31 -4.81
N ARG B 73 18.50 -27.04 -5.22
CA ARG B 73 18.20 -26.94 -6.63
C ARG B 73 17.99 -25.48 -7.10
N VAL B 74 18.44 -24.53 -6.29
CA VAL B 74 18.32 -23.11 -6.66
C VAL B 74 19.43 -22.79 -7.67
N VAL B 75 19.05 -22.12 -8.76
CA VAL B 75 19.98 -21.78 -9.83
C VAL B 75 20.56 -20.38 -9.70
N LYS B 76 19.67 -19.43 -9.41
CA LYS B 76 20.05 -18.03 -9.31
C LYS B 76 19.23 -17.28 -8.28
N VAL B 77 19.89 -16.42 -7.53
CA VAL B 77 19.25 -15.62 -6.50
C VAL B 77 19.59 -14.14 -6.69
N ASN B 78 18.60 -13.29 -6.47
CA ASN B 78 18.78 -11.87 -6.52
C ASN B 78 18.37 -11.29 -5.18
N ILE B 79 19.27 -10.54 -4.58
CA ILE B 79 19.05 -9.91 -3.30
C ILE B 79 18.97 -8.40 -3.47
N PHE B 80 17.98 -7.80 -2.83
CA PHE B 80 17.81 -6.34 -2.85
C PHE B 80 17.83 -5.91 -1.38
N LEU B 81 18.80 -5.07 -1.00
CA LEU B 81 18.95 -4.59 0.38
C LEU B 81 18.51 -3.13 0.49
N ALA B 82 17.93 -2.76 1.62
CA ALA B 82 17.50 -1.38 1.80
C ALA B 82 18.70 -0.54 2.21
N ASP B 83 19.76 -1.21 2.66
CA ASP B 83 20.97 -0.53 3.12
C ASP B 83 22.17 -1.43 2.85
N ILE B 84 23.08 -0.96 2.01
CA ILE B 84 24.26 -1.74 1.65
C ILE B 84 25.10 -2.17 2.85
N ASN B 85 24.99 -1.44 3.96
CA ASN B 85 25.73 -1.81 5.17
C ASN B 85 25.24 -3.09 5.82
N HIS B 86 24.10 -3.60 5.36
CA HIS B 86 23.57 -4.85 5.93
C HIS B 86 24.12 -6.07 5.18
N PHE B 87 24.97 -5.83 4.19
CA PHE B 87 25.58 -6.85 3.34
C PHE B 87 26.17 -8.05 4.10
N ALA B 88 27.13 -7.78 4.99
CA ALA B 88 27.76 -8.86 5.75
C ALA B 88 26.81 -9.65 6.63
N GLU B 89 25.92 -8.98 7.35
CA GLU B 89 24.96 -9.69 8.21
C GLU B 89 24.05 -10.57 7.36
N PHE B 90 23.62 -10.08 6.20
CA PHE B 90 22.78 -10.91 5.36
C PHE B 90 23.58 -12.11 4.84
N ASN B 91 24.79 -11.83 4.34
CA ASN B 91 25.67 -12.86 3.79
C ASN B 91 25.89 -14.00 4.76
N SER B 92 25.95 -13.70 6.06
CA SER B 92 26.16 -14.77 7.04
C SER B 92 25.00 -15.76 7.10
N VAL B 93 23.77 -15.27 7.15
CA VAL B 93 22.63 -16.17 7.16
C VAL B 93 22.55 -16.89 5.81
N TYR B 94 22.81 -16.14 4.74
CA TYR B 94 22.76 -16.72 3.41
C TYR B 94 23.73 -17.92 3.27
N ALA B 95 24.96 -17.75 3.72
CA ALA B 95 25.97 -18.81 3.64
C ALA B 95 25.61 -20.04 4.46
N LYS B 96 24.75 -19.88 5.45
CA LYS B 96 24.29 -21.00 6.25
C LYS B 96 23.43 -21.95 5.40
N TYR B 97 22.60 -21.40 4.50
CA TYR B 97 21.76 -22.24 3.65
C TYR B 97 22.35 -22.63 2.31
N PHE B 98 23.28 -21.82 1.81
CA PHE B 98 23.96 -22.09 0.55
C PHE B 98 25.44 -22.26 0.85
N ASN B 99 25.80 -23.47 1.27
CA ASN B 99 27.18 -23.79 1.61
C ASN B 99 27.77 -24.70 0.53
N THR B 100 27.35 -25.95 0.51
CA THR B 100 27.87 -26.90 -0.47
C THR B 100 27.32 -26.55 -1.85
N HIS B 101 26.10 -26.02 -1.87
CA HIS B 101 25.47 -25.63 -3.12
C HIS B 101 25.46 -24.11 -3.17
N LYS B 102 26.11 -23.56 -4.19
CA LYS B 102 26.21 -22.11 -4.32
C LYS B 102 25.63 -21.58 -5.63
N PRO B 103 24.36 -21.14 -5.59
CA PRO B 103 23.68 -20.60 -6.76
C PRO B 103 24.40 -19.36 -7.31
N ALA B 104 24.08 -18.98 -8.54
CA ALA B 104 24.65 -17.73 -9.06
C ALA B 104 23.92 -16.67 -8.21
N ARG B 105 24.46 -15.46 -8.10
CA ARG B 105 23.81 -14.43 -7.29
C ARG B 105 24.14 -13.00 -7.67
N SER B 106 23.22 -12.09 -7.38
CA SER B 106 23.43 -10.65 -7.55
C SER B 106 22.87 -10.02 -6.29
N CYS B 107 23.42 -8.88 -5.90
CA CYS B 107 22.97 -8.17 -4.70
C CYS B 107 23.22 -6.70 -4.92
N VAL B 108 22.20 -5.90 -4.64
CA VAL B 108 22.27 -4.45 -4.79
C VAL B 108 21.48 -3.79 -3.68
N ALA B 109 21.80 -2.53 -3.40
CA ALA B 109 21.07 -1.80 -2.37
C ALA B 109 20.14 -0.87 -3.13
N VAL B 110 18.87 -0.96 -2.83
CA VAL B 110 17.88 -0.12 -3.50
C VAL B 110 17.44 1.00 -2.58
N ALA B 111 16.56 1.85 -3.10
CA ALA B 111 16.06 2.99 -2.36
C ALA B 111 15.08 2.61 -1.26
N ALA B 112 14.14 1.73 -1.60
CA ALA B 112 13.14 1.34 -0.63
C ALA B 112 12.47 0.06 -1.11
N LEU B 113 11.85 -0.65 -0.16
CA LEU B 113 11.17 -1.90 -0.46
C LEU B 113 9.76 -1.85 0.10
N PRO B 114 8.89 -2.75 -0.37
CA PRO B 114 7.51 -2.75 0.13
C PRO B 114 7.48 -2.83 1.66
N LEU B 115 6.52 -2.15 2.27
CA LEU B 115 6.35 -2.14 3.72
C LEU B 115 7.57 -1.64 4.49
N GLY B 116 8.49 -0.97 3.79
CA GLY B 116 9.68 -0.45 4.43
C GLY B 116 10.62 -1.50 5.00
N VAL B 117 10.59 -2.72 4.45
CA VAL B 117 11.46 -3.78 4.94
C VAL B 117 12.93 -3.62 4.56
N ASP B 118 13.79 -4.37 5.24
CA ASP B 118 15.21 -4.29 5.04
C ASP B 118 15.78 -5.04 3.85
N MET B 119 15.05 -6.03 3.35
CA MET B 119 15.52 -6.78 2.20
C MET B 119 14.41 -7.53 1.48
N GLU B 120 14.68 -7.90 0.23
CA GLU B 120 13.77 -8.69 -0.59
C GLU B 120 14.67 -9.67 -1.38
N MET B 121 14.27 -10.93 -1.44
CA MET B 121 15.04 -11.95 -2.13
C MET B 121 14.14 -12.73 -3.08
N GLU B 122 14.58 -12.90 -4.33
CA GLU B 122 13.85 -13.69 -5.31
C GLU B 122 14.81 -14.77 -5.77
N ALA B 123 14.29 -15.78 -6.44
CA ALA B 123 15.13 -16.87 -6.90
C ALA B 123 14.52 -17.63 -8.07
N ILE B 124 15.37 -18.40 -8.74
CA ILE B 124 15.00 -19.25 -9.86
C ILE B 124 15.56 -20.60 -9.48
N ALA B 125 14.76 -21.65 -9.59
CA ALA B 125 15.22 -22.99 -9.22
C ALA B 125 14.75 -24.03 -10.22
N ALA B 126 15.32 -25.23 -10.12
CA ALA B 126 14.94 -26.31 -11.02
C ALA B 126 14.07 -27.31 -10.26
N GLU B 127 13.00 -27.77 -10.91
CA GLU B 127 12.11 -28.72 -10.27
C GLU B 127 12.86 -30.04 -10.04
N THR C 3 -36.71 -1.58 17.05
CA THR C 3 -36.05 -0.29 16.71
C THR C 3 -37.04 0.74 16.16
N THR C 4 -36.56 1.96 15.96
CA THR C 4 -37.38 3.06 15.44
C THR C 4 -36.43 4.17 14.98
N LEU C 5 -36.67 4.71 13.78
CA LEU C 5 -35.83 5.77 13.23
C LEU C 5 -36.62 7.09 13.15
N THR C 6 -36.23 8.05 13.96
CA THR C 6 -36.93 9.33 14.00
C THR C 6 -36.04 10.49 13.54
N PRO C 7 -36.39 11.13 12.41
CA PRO C 7 -35.58 12.26 11.93
C PRO C 7 -35.87 13.48 12.79
N VAL C 8 -34.86 14.31 12.99
CA VAL C 8 -35.02 15.52 13.80
C VAL C 8 -34.85 16.78 12.99
N ILE C 9 -35.84 17.66 13.09
CA ILE C 9 -35.80 18.96 12.43
C ILE C 9 -35.72 20.01 13.52
N CYS C 10 -34.66 20.79 13.50
CA CYS C 10 -34.46 21.84 14.48
C CYS C 10 -34.69 23.21 13.85
N GLU C 11 -35.66 23.94 14.42
CA GLU C 11 -36.01 25.27 13.94
C GLU C 11 -34.85 26.25 14.13
N SER C 12 -34.11 26.09 15.21
CA SER C 12 -33.02 26.98 15.54
C SER C 12 -31.64 26.44 15.15
N ALA C 13 -31.56 25.83 13.99
CA ALA C 13 -30.29 25.32 13.48
C ALA C 13 -30.27 25.75 12.01
N PRO C 14 -29.07 25.92 11.41
CA PRO C 14 -28.93 26.32 10.01
C PRO C 14 -29.67 25.32 9.11
N ALA C 15 -30.21 25.80 7.98
CA ALA C 15 -30.89 24.91 7.05
C ALA C 15 -29.83 23.90 6.58
N ALA C 16 -30.21 22.63 6.41
CA ALA C 16 -29.24 21.65 5.95
C ALA C 16 -28.53 22.08 4.65
N ALA C 17 -27.20 21.99 4.65
CA ALA C 17 -26.38 22.37 3.49
C ALA C 17 -26.60 21.41 2.31
N ALA C 18 -27.16 20.23 2.61
CA ALA C 18 -27.44 19.21 1.61
C ALA C 18 -28.64 18.36 2.08
N SER C 19 -28.92 17.26 1.40
CA SER C 19 -30.06 16.41 1.73
C SER C 19 -29.87 15.51 2.95
N TYR C 20 -29.86 16.12 4.13
CA TYR C 20 -29.70 15.37 5.38
C TYR C 20 -30.55 16.03 6.45
N SER C 21 -30.84 15.27 7.51
CA SER C 21 -31.63 15.76 8.63
C SER C 21 -30.65 16.31 9.65
N HIS C 22 -31.10 17.25 10.45
CA HIS C 22 -30.24 17.83 11.48
C HIS C 22 -29.68 16.71 12.38
N ALA C 23 -30.51 15.71 12.66
CA ALA C 23 -30.12 14.56 13.47
C ALA C 23 -31.10 13.43 13.19
N MET C 24 -30.71 12.21 13.57
CA MET C 24 -31.55 11.03 13.41
C MET C 24 -31.43 10.22 14.68
N LYS C 25 -32.58 9.85 15.26
CA LYS C 25 -32.59 9.08 16.49
C LYS C 25 -32.89 7.61 16.20
N VAL C 26 -32.10 6.71 16.77
CA VAL C 26 -32.34 5.28 16.60
C VAL C 26 -32.38 4.76 18.02
N ASN C 27 -33.56 4.28 18.43
CA ASN C 27 -33.73 3.82 19.80
C ASN C 27 -33.33 4.96 20.76
N ASN C 28 -32.40 4.70 21.67
CA ASN C 28 -31.98 5.71 22.64
C ASN C 28 -30.82 6.59 22.17
N LEU C 29 -30.32 6.35 20.97
CA LEU C 29 -29.18 7.13 20.48
C LEU C 29 -29.59 8.23 19.53
N ILE C 30 -28.79 9.28 19.49
CA ILE C 30 -29.04 10.41 18.59
C ILE C 30 -27.74 10.74 17.84
N PHE C 31 -27.80 10.64 16.52
CA PHE C 31 -26.68 10.94 15.65
C PHE C 31 -26.91 12.31 15.03
N LEU C 32 -26.07 13.27 15.39
CA LEU C 32 -26.20 14.62 14.85
C LEU C 32 -25.31 14.87 13.63
N SER C 33 -25.86 15.64 12.70
CA SER C 33 -25.13 16.01 11.50
C SER C 33 -24.05 17.01 11.89
N GLY C 34 -22.99 17.06 11.09
CA GLY C 34 -21.89 17.98 11.39
C GLY C 34 -22.38 19.41 11.36
N GLN C 35 -21.98 20.19 12.37
CA GLN C 35 -22.34 21.59 12.47
C GLN C 35 -21.13 22.49 12.20
N ILE C 36 -21.36 23.60 11.50
CA ILE C 36 -20.32 24.56 11.18
C ILE C 36 -20.70 25.93 11.75
N PRO C 37 -19.75 26.88 11.81
CA PRO C 37 -20.03 28.21 12.36
C PRO C 37 -20.86 29.14 11.47
N VAL C 38 -22.13 28.80 11.39
CA VAL C 38 -23.16 29.50 10.63
C VAL C 38 -24.35 29.63 11.59
N THR C 39 -25.00 30.79 11.61
CA THR C 39 -26.14 31.00 12.50
C THR C 39 -27.41 30.26 12.01
N PRO C 40 -28.45 30.18 12.86
CA PRO C 40 -29.67 29.50 12.46
C PRO C 40 -30.32 30.20 11.27
N ASP C 41 -29.96 31.47 11.06
CA ASP C 41 -30.44 32.30 9.94
C ASP C 41 -29.55 32.14 8.71
N ASN C 42 -28.60 31.22 8.80
CA ASN C 42 -27.68 30.92 7.71
C ASN C 42 -26.58 31.97 7.43
N LYS C 43 -26.30 32.80 8.43
CA LYS C 43 -25.27 33.82 8.34
C LYS C 43 -23.90 33.27 8.73
N LEU C 44 -22.88 33.56 7.92
CA LEU C 44 -21.52 33.11 8.24
C LEU C 44 -21.02 33.85 9.49
N VAL C 45 -20.55 33.11 10.48
CA VAL C 45 -20.02 33.75 11.67
C VAL C 45 -18.61 34.24 11.37
N GLU C 46 -18.35 35.50 11.68
CA GLU C 46 -17.04 36.08 11.47
C GLU C 46 -16.50 36.46 12.83
N GLY C 47 -15.19 36.46 13.00
CA GLY C 47 -14.65 36.80 14.30
C GLY C 47 -13.59 35.79 14.74
N SER C 48 -13.51 35.58 16.05
CA SER C 48 -12.53 34.68 16.64
C SER C 48 -12.92 33.22 16.64
N ILE C 49 -11.95 32.37 16.94
CA ILE C 49 -12.19 30.93 17.02
C ILE C 49 -13.28 30.70 18.07
N ALA C 50 -13.20 31.43 19.18
CA ALA C 50 -14.18 31.28 20.23
C ALA C 50 -15.59 31.65 19.74
N ASP C 51 -15.70 32.73 18.96
CA ASP C 51 -16.99 33.18 18.43
C ASP C 51 -17.58 32.09 17.53
N LYS C 52 -16.72 31.49 16.73
CA LYS C 52 -17.15 30.42 15.82
C LYS C 52 -17.53 29.17 16.59
N ALA C 53 -16.70 28.77 17.55
CA ALA C 53 -17.01 27.58 18.35
C ALA C 53 -18.30 27.76 19.16
N GLU C 54 -18.51 28.97 19.68
CA GLU C 54 -19.72 29.24 20.45
C GLU C 54 -20.95 29.01 19.58
N GLN C 55 -20.91 29.48 18.33
CA GLN C 55 -22.07 29.26 17.45
C GLN C 55 -22.27 27.78 17.14
N VAL C 56 -21.18 27.07 16.84
CA VAL C 56 -21.26 25.63 16.56
C VAL C 56 -21.87 24.88 17.75
N ILE C 57 -21.35 25.11 18.96
CA ILE C 57 -21.90 24.44 20.13
C ILE C 57 -23.36 24.83 20.38
N GLN C 58 -23.73 26.08 20.14
CA GLN C 58 -25.13 26.49 20.31
C GLN C 58 -26.02 25.75 19.31
N ASN C 59 -25.54 25.59 18.08
CA ASN C 59 -26.29 24.85 17.07
C ASN C 59 -26.52 23.42 17.57
N ILE C 60 -25.45 22.81 18.08
CA ILE C 60 -25.51 21.46 18.63
C ILE C 60 -26.47 21.39 19.82
N LYS C 61 -26.44 22.40 20.69
CA LYS C 61 -27.32 22.43 21.85
C LYS C 61 -28.77 22.49 21.39
N ASN C 62 -29.04 23.33 20.40
CA ASN C 62 -30.40 23.45 19.86
C ASN C 62 -30.89 22.14 19.24
N VAL C 63 -30.04 21.50 18.44
CA VAL C 63 -30.43 20.23 17.82
C VAL C 63 -30.67 19.18 18.92
N LEU C 64 -29.85 19.20 19.97
CA LEU C 64 -30.02 18.24 21.06
C LEU C 64 -31.37 18.42 21.74
N GLU C 65 -31.76 19.67 21.96
CA GLU C 65 -33.04 19.99 22.59
C GLU C 65 -34.18 19.43 21.72
N ALA C 66 -34.11 19.64 20.42
CA ALA C 66 -35.12 19.13 19.51
C ALA C 66 -35.14 17.60 19.50
N SER C 67 -34.02 16.99 19.88
CA SER C 67 -33.86 15.54 19.90
C SER C 67 -34.15 14.90 21.26
N ASN C 68 -34.60 15.71 22.21
CA ASN C 68 -34.89 15.25 23.58
C ASN C 68 -33.60 14.80 24.25
N SER C 69 -32.61 15.67 24.17
CA SER C 69 -31.29 15.41 24.77
C SER C 69 -30.72 16.75 25.24
N SER C 70 -29.44 16.74 25.60
CA SER C 70 -28.76 17.92 26.11
C SER C 70 -27.26 17.72 25.98
N LEU C 71 -26.49 18.78 26.21
CA LEU C 71 -25.04 18.69 26.13
C LEU C 71 -24.46 17.68 27.10
N ASP C 72 -25.01 17.60 28.32
CA ASP C 72 -24.44 16.62 29.27
C ASP C 72 -24.81 15.17 28.96
N ARG C 73 -25.53 14.94 27.86
CA ARG C 73 -25.89 13.59 27.43
C ARG C 73 -25.15 13.21 26.14
N VAL C 74 -24.24 14.08 25.72
CA VAL C 74 -23.44 13.85 24.53
C VAL C 74 -22.41 12.75 24.88
N VAL C 75 -22.28 11.74 24.03
CA VAL C 75 -21.36 10.66 24.36
C VAL C 75 -20.07 10.64 23.56
N LYS C 76 -20.12 11.17 22.35
CA LYS C 76 -18.95 11.20 21.47
C LYS C 76 -19.00 12.43 20.59
N VAL C 77 -17.86 13.12 20.46
CA VAL C 77 -17.75 14.31 19.62
C VAL C 77 -16.56 14.16 18.65
N ASN C 78 -16.76 14.52 17.39
CA ASN C 78 -15.65 14.49 16.42
C ASN C 78 -15.47 15.94 15.95
N ILE C 79 -14.25 16.43 16.05
CA ILE C 79 -13.90 17.79 15.65
C ILE C 79 -13.00 17.78 14.42
N PHE C 80 -13.34 18.59 13.43
CA PHE C 80 -12.51 18.71 12.25
C PHE C 80 -12.12 20.18 12.20
N LEU C 81 -10.83 20.47 12.21
CA LEU C 81 -10.36 21.85 12.15
C LEU C 81 -9.77 22.11 10.78
N ALA C 82 -9.91 23.33 10.28
CA ALA C 82 -9.30 23.67 8.98
C ALA C 82 -7.79 23.95 9.19
N ASP C 83 -7.38 24.17 10.44
CA ASP C 83 -5.97 24.50 10.75
C ASP C 83 -5.61 23.99 12.16
N ILE C 84 -4.70 23.02 12.22
CA ILE C 84 -4.30 22.43 13.50
C ILE C 84 -3.74 23.46 14.49
N ASN C 85 -3.23 24.58 13.98
CA ASN C 85 -2.69 25.59 14.88
C ASN C 85 -3.75 26.29 15.73
N HIS C 86 -5.03 25.99 15.46
CA HIS C 86 -6.11 26.57 16.25
C HIS C 86 -6.59 25.55 17.32
N PHE C 87 -5.85 24.45 17.47
CA PHE C 87 -6.18 23.40 18.44
C PHE C 87 -6.40 23.92 19.87
N ALA C 88 -5.39 24.61 20.41
CA ALA C 88 -5.47 25.14 21.77
C ALA C 88 -6.58 26.17 21.97
N GLU C 89 -6.75 27.06 21.00
CA GLU C 89 -7.79 28.09 21.10
C GLU C 89 -9.15 27.41 21.07
N PHE C 90 -9.28 26.37 20.25
CA PHE C 90 -10.55 25.65 20.18
C PHE C 90 -10.82 24.92 21.49
N ASN C 91 -9.83 24.19 21.99
CA ASN C 91 -9.98 23.44 23.24
C ASN C 91 -10.40 24.35 24.40
N SER C 92 -9.97 25.61 24.38
CA SER C 92 -10.33 26.51 25.46
C SER C 92 -11.85 26.76 25.51
N VAL C 93 -12.46 27.02 24.35
CA VAL C 93 -13.90 27.27 24.32
C VAL C 93 -14.65 25.94 24.53
N TYR C 94 -14.11 24.85 23.99
CA TYR C 94 -14.72 23.53 24.13
C TYR C 94 -14.85 23.15 25.61
N ALA C 95 -13.80 23.42 26.39
CA ALA C 95 -13.77 23.11 27.81
C ALA C 95 -14.77 23.91 28.62
N LYS C 96 -15.23 25.03 28.06
CA LYS C 96 -16.20 25.86 28.76
C LYS C 96 -17.52 25.10 28.81
N TYR C 97 -17.77 24.30 27.78
CA TYR C 97 -19.03 23.57 27.68
C TYR C 97 -19.00 22.13 28.12
N PHE C 98 -17.82 21.53 28.02
CA PHE C 98 -17.63 20.18 28.44
C PHE C 98 -16.58 20.22 29.54
N ASN C 99 -17.03 20.60 30.74
CA ASN C 99 -16.17 20.71 31.90
C ASN C 99 -16.41 19.47 32.74
N THR C 100 -17.52 19.45 33.45
CA THR C 100 -17.86 18.32 34.30
C THR C 100 -18.12 17.07 33.47
N HIS C 101 -18.95 17.21 32.44
CA HIS C 101 -19.28 16.12 31.56
C HIS C 101 -18.28 16.13 30.40
N LYS C 102 -17.53 15.04 30.26
CA LYS C 102 -16.49 14.96 29.22
C LYS C 102 -16.72 13.80 28.22
N PRO C 103 -17.36 14.09 27.08
CA PRO C 103 -17.63 13.08 26.04
C PRO C 103 -16.33 12.46 25.52
N ALA C 104 -16.43 11.31 24.86
CA ALA C 104 -15.23 10.75 24.22
C ALA C 104 -15.05 11.74 23.05
N ARG C 105 -13.84 11.86 22.52
CA ARG C 105 -13.60 12.82 21.43
C ARG C 105 -12.45 12.45 20.51
N SER C 106 -12.50 12.99 19.28
CA SER C 106 -11.44 12.83 18.30
C SER C 106 -11.32 14.20 17.67
N CYS C 107 -10.13 14.54 17.21
CA CYS C 107 -9.90 15.84 16.59
C CYS C 107 -8.79 15.70 15.56
N VAL C 108 -9.06 16.21 14.36
CA VAL C 108 -8.10 16.16 13.28
C VAL C 108 -8.21 17.47 12.52
N ALA C 109 -7.18 17.80 11.74
CA ALA C 109 -7.21 18.98 10.91
C ALA C 109 -7.34 18.49 9.47
N VAL C 110 -8.28 19.08 8.74
CA VAL C 110 -8.52 18.69 7.36
C VAL C 110 -8.12 19.81 6.42
N ALA C 111 -8.02 19.48 5.13
CA ALA C 111 -7.67 20.45 4.12
C ALA C 111 -8.67 21.59 3.99
N ALA C 112 -9.95 21.24 3.84
CA ALA C 112 -10.99 22.25 3.68
C ALA C 112 -12.35 21.77 4.20
N LEU C 113 -13.22 22.72 4.51
CA LEU C 113 -14.54 22.44 5.05
C LEU C 113 -15.63 23.15 4.26
N PRO C 114 -16.89 22.69 4.39
CA PRO C 114 -17.98 23.35 3.68
C PRO C 114 -17.98 24.85 3.96
N LEU C 115 -18.27 25.64 2.92
CA LEU C 115 -18.33 27.10 3.03
C LEU C 115 -17.02 27.74 3.45
N GLY C 116 -15.96 26.96 3.40
CA GLY C 116 -14.64 27.44 3.77
C GLY C 116 -14.49 27.83 5.22
N VAL C 117 -15.26 27.20 6.11
CA VAL C 117 -15.20 27.51 7.54
C VAL C 117 -13.98 26.92 8.23
N ASP C 118 -13.74 27.36 9.46
CA ASP C 118 -12.58 26.91 10.22
C ASP C 118 -12.82 25.64 11.04
N MET C 119 -14.07 25.20 11.16
CA MET C 119 -14.35 24.03 11.98
C MET C 119 -15.69 23.39 11.67
N GLU C 120 -15.79 22.11 12.02
CA GLU C 120 -17.03 21.34 11.88
C GLU C 120 -17.02 20.38 13.07
N MET C 121 -18.16 20.28 13.77
CA MET C 121 -18.28 19.40 14.93
C MET C 121 -19.51 18.52 14.77
N GLU C 122 -19.33 17.21 14.91
CA GLU C 122 -20.45 16.27 14.83
C GLU C 122 -20.50 15.59 16.18
N ALA C 123 -21.67 15.10 16.56
CA ALA C 123 -21.77 14.46 17.87
C ALA C 123 -22.79 13.33 17.89
N ILE C 124 -22.71 12.50 18.93
CA ILE C 124 -23.61 11.39 19.14
C ILE C 124 -24.01 11.58 20.60
N ALA C 125 -25.30 11.45 20.89
CA ALA C 125 -25.79 11.67 22.25
C ALA C 125 -26.81 10.62 22.66
N ALA C 126 -27.12 10.59 23.95
CA ALA C 126 -28.13 9.66 24.44
C ALA C 126 -29.40 10.45 24.71
N GLU C 127 -30.55 9.87 24.36
CA GLU C 127 -31.83 10.52 24.59
C GLU C 127 -32.16 10.48 26.08
N ARG C 128 -33.03 11.40 26.50
CA ARG C 128 -33.49 11.47 27.88
C ARG C 128 -34.62 10.44 28.04
N THR D 4 -27.75 4.78 30.79
CA THR D 4 -26.64 5.09 31.72
C THR D 4 -25.35 5.47 31.00
N LEU D 5 -24.79 6.63 31.33
CA LEU D 5 -23.56 7.10 30.72
C LEU D 5 -22.43 6.96 31.73
N THR D 6 -21.35 6.31 31.33
CA THR D 6 -20.24 6.15 32.26
C THR D 6 -18.91 6.54 31.64
N PRO D 7 -18.30 7.62 32.15
CA PRO D 7 -17.00 8.12 31.67
C PRO D 7 -15.92 7.11 32.10
N VAL D 8 -15.04 6.75 31.19
CA VAL D 8 -13.98 5.80 31.51
C VAL D 8 -12.64 6.50 31.53
N ILE D 9 -11.91 6.31 32.64
CA ILE D 9 -10.59 6.87 32.82
C ILE D 9 -9.65 5.67 32.78
N CYS D 10 -8.66 5.71 31.92
CA CYS D 10 -7.72 4.61 31.81
C CYS D 10 -6.36 5.08 32.33
N GLU D 11 -5.91 4.44 33.41
CA GLU D 11 -4.65 4.81 34.03
C GLU D 11 -3.43 4.56 33.18
N SER D 12 -3.47 3.55 32.31
CA SER D 12 -2.33 3.24 31.46
C SER D 12 -2.36 3.89 30.08
N ALA D 13 -3.24 4.88 29.91
CA ALA D 13 -3.35 5.60 28.64
C ALA D 13 -2.76 6.99 28.77
N PRO D 14 -2.31 7.56 27.64
CA PRO D 14 -1.75 8.91 27.74
C PRO D 14 -2.83 9.80 28.37
N ALA D 15 -2.41 10.88 29.01
CA ALA D 15 -3.36 11.80 29.60
C ALA D 15 -4.13 12.48 28.47
N ALA D 16 -5.38 12.86 28.75
CA ALA D 16 -6.21 13.52 27.76
C ALA D 16 -5.59 14.85 27.35
N ALA D 17 -5.56 15.12 26.05
CA ALA D 17 -5.01 16.37 25.55
C ALA D 17 -5.99 17.53 25.75
N ALA D 18 -7.27 17.21 25.92
CA ALA D 18 -8.30 18.23 26.11
C ALA D 18 -9.38 17.70 27.05
N SER D 19 -10.53 18.36 27.11
CA SER D 19 -11.56 17.90 28.04
C SER D 19 -12.42 16.76 27.48
N TYR D 20 -11.86 15.55 27.50
CA TYR D 20 -12.58 14.38 27.00
C TYR D 20 -12.21 13.17 27.83
N SER D 21 -13.07 12.18 27.87
CA SER D 21 -12.80 10.94 28.61
C SER D 21 -12.09 9.96 27.67
N HIS D 22 -11.28 9.06 28.21
CA HIS D 22 -10.61 8.09 27.33
C HIS D 22 -11.70 7.33 26.57
N ALA D 23 -12.81 7.07 27.25
CA ALA D 23 -13.95 6.41 26.62
C ALA D 23 -15.24 6.76 27.34
N MET D 24 -16.36 6.58 26.65
CA MET D 24 -17.67 6.85 27.26
C MET D 24 -18.57 5.67 26.98
N LYS D 25 -19.09 5.11 28.07
CA LYS D 25 -19.97 3.96 27.99
C LYS D 25 -21.40 4.45 27.99
N VAL D 26 -22.18 3.95 27.05
CA VAL D 26 -23.59 4.28 26.95
C VAL D 26 -24.24 2.91 26.91
N ASN D 27 -24.64 2.47 28.10
CA ASN D 27 -25.23 1.16 28.27
C ASN D 27 -24.18 0.13 27.87
N ASN D 28 -24.45 -0.67 26.83
CA ASN D 28 -23.52 -1.72 26.38
C ASN D 28 -22.50 -1.28 25.32
N LEU D 29 -22.63 -0.04 24.87
CA LEU D 29 -21.75 0.50 23.83
C LEU D 29 -20.70 1.42 24.41
N ILE D 30 -19.47 1.26 23.93
CA ILE D 30 -18.36 2.09 24.39
C ILE D 30 -17.78 2.90 23.23
N PHE D 31 -17.69 4.21 23.41
CA PHE D 31 -17.10 5.10 22.40
C PHE D 31 -15.75 5.53 22.93
N LEU D 32 -14.71 5.17 22.18
CA LEU D 32 -13.34 5.50 22.55
C LEU D 32 -12.81 6.72 21.82
N SER D 33 -12.11 7.57 22.56
CA SER D 33 -11.51 8.76 21.99
C SER D 33 -10.33 8.42 21.08
N GLY D 34 -10.01 9.32 20.17
CA GLY D 34 -8.89 9.09 19.27
C GLY D 34 -7.59 8.97 20.05
N GLN D 35 -6.81 7.93 19.73
CA GLN D 35 -5.53 7.68 20.39
C GLN D 35 -4.41 8.00 19.40
N ILE D 36 -3.33 8.59 19.90
CA ILE D 36 -2.18 8.93 19.06
C ILE D 36 -0.92 8.20 19.54
N PRO D 37 0.15 8.20 18.74
CA PRO D 37 1.41 7.53 19.09
C PRO D 37 2.19 8.23 20.19
N VAL D 38 1.65 8.13 21.41
CA VAL D 38 2.27 8.71 22.58
C VAL D 38 2.33 7.60 23.64
N THR D 39 3.37 7.61 24.46
CA THR D 39 3.53 6.60 25.50
C THR D 39 2.66 6.95 26.71
N PRO D 40 2.41 5.97 27.60
CA PRO D 40 1.59 6.21 28.78
C PRO D 40 2.14 7.36 29.62
N ASP D 41 3.44 7.62 29.47
CA ASP D 41 4.11 8.71 30.20
C ASP D 41 4.05 9.99 29.37
N ASN D 42 3.12 9.98 28.41
CA ASN D 42 2.90 11.10 27.52
C ASN D 42 4.13 11.64 26.81
N LYS D 43 4.84 10.72 26.15
CA LYS D 43 6.02 11.05 25.38
C LYS D 43 5.76 10.57 23.95
N LEU D 44 6.14 11.38 22.96
CA LEU D 44 5.93 11.00 21.56
C LEU D 44 6.80 9.81 21.15
N VAL D 45 6.18 8.83 20.52
CA VAL D 45 6.93 7.67 20.06
C VAL D 45 7.73 8.06 18.81
N GLU D 46 9.02 7.77 18.84
CA GLU D 46 9.86 8.07 17.69
C GLU D 46 10.18 6.69 17.12
N GLY D 47 10.36 6.61 15.81
CA GLY D 47 10.66 5.33 15.21
C GLY D 47 9.92 5.13 13.90
N SER D 48 9.60 3.88 13.57
CA SER D 48 8.90 3.61 12.34
C SER D 48 7.40 3.83 12.49
N ILE D 49 6.69 3.77 11.37
CA ILE D 49 5.25 3.92 11.36
C ILE D 49 4.68 2.72 12.13
N ALA D 50 5.30 1.55 11.93
CA ALA D 50 4.86 0.34 12.62
C ALA D 50 5.07 0.52 14.12
N ASP D 51 6.14 1.19 14.51
CA ASP D 51 6.42 1.43 15.93
C ASP D 51 5.33 2.32 16.53
N LYS D 52 4.99 3.36 15.78
CA LYS D 52 3.96 4.31 16.17
C LYS D 52 2.59 3.65 16.19
N ALA D 53 2.29 2.84 15.18
CA ALA D 53 1.02 2.11 15.11
C ALA D 53 0.88 1.14 16.27
N GLU D 54 1.98 0.48 16.63
CA GLU D 54 1.99 -0.47 17.73
C GLU D 54 1.53 0.20 19.02
N GLN D 55 2.07 1.39 19.30
CA GLN D 55 1.71 2.12 20.51
C GLN D 55 0.26 2.60 20.51
N VAL D 56 -0.24 3.01 19.35
CA VAL D 56 -1.62 3.50 19.25
C VAL D 56 -2.61 2.40 19.60
N ILE D 57 -2.38 1.21 19.06
CA ILE D 57 -3.25 0.07 19.29
C ILE D 57 -3.13 -0.42 20.73
N GLN D 58 -1.95 -0.27 21.31
CA GLN D 58 -1.72 -0.65 22.70
C GLN D 58 -2.56 0.28 23.57
N ASN D 59 -2.56 1.57 23.21
CA ASN D 59 -3.32 2.54 23.97
C ASN D 59 -4.80 2.18 23.88
N ILE D 60 -5.25 1.83 22.68
CA ILE D 60 -6.64 1.44 22.49
C ILE D 60 -6.93 0.17 23.31
N LYS D 61 -6.01 -0.78 23.28
CA LYS D 61 -6.15 -2.02 24.03
C LYS D 61 -6.37 -1.76 25.53
N ASN D 62 -5.55 -0.87 26.07
CA ASN D 62 -5.62 -0.50 27.47
C ASN D 62 -6.93 0.22 27.81
N VAL D 63 -7.38 1.13 26.95
CA VAL D 63 -8.63 1.83 27.21
C VAL D 63 -9.80 0.82 27.14
N LEU D 64 -9.71 -0.13 26.22
CA LEU D 64 -10.74 -1.17 26.11
C LEU D 64 -10.84 -1.98 27.40
N GLU D 65 -9.69 -2.37 27.95
CA GLU D 65 -9.65 -3.15 29.18
C GLU D 65 -10.32 -2.37 30.32
N ALA D 66 -9.92 -1.12 30.50
CA ALA D 66 -10.46 -0.27 31.53
C ALA D 66 -11.97 -0.06 31.35
N SER D 67 -12.46 -0.28 30.13
CA SER D 67 -13.88 -0.08 29.82
C SER D 67 -14.68 -1.37 29.97
N ASN D 68 -14.03 -2.39 30.49
CA ASN D 68 -14.66 -3.70 30.66
C ASN D 68 -14.99 -4.25 29.27
N SER D 69 -14.01 -4.13 28.38
CA SER D 69 -14.15 -4.61 27.01
C SER D 69 -12.81 -5.18 26.57
N SER D 70 -12.68 -5.48 25.28
CA SER D 70 -11.46 -6.06 24.74
C SER D 70 -11.38 -5.87 23.23
N LEU D 71 -10.20 -6.10 22.67
CA LEU D 71 -10.03 -5.94 21.23
C LEU D 71 -10.99 -6.81 20.44
N ASP D 72 -11.29 -8.00 20.95
CA ASP D 72 -12.18 -8.92 20.27
C ASP D 72 -13.63 -8.41 20.28
N ARG D 73 -13.90 -7.36 21.05
CA ARG D 73 -15.26 -6.82 21.10
C ARG D 73 -15.38 -5.47 20.39
N VAL D 74 -14.39 -5.12 19.59
CA VAL D 74 -14.42 -3.87 18.84
C VAL D 74 -15.40 -3.99 17.69
N VAL D 75 -16.26 -2.98 17.54
CA VAL D 75 -17.28 -2.98 16.52
C VAL D 75 -16.86 -2.21 15.27
N LYS D 76 -16.35 -1.00 15.47
CA LYS D 76 -15.97 -0.14 14.35
C LYS D 76 -14.71 0.65 14.69
N VAL D 77 -13.83 0.80 13.71
CA VAL D 77 -12.60 1.55 13.89
C VAL D 77 -12.47 2.62 12.80
N ASN D 78 -12.02 3.80 13.19
CA ASN D 78 -11.81 4.88 12.23
C ASN D 78 -10.35 5.32 12.35
N ILE D 79 -9.66 5.28 11.22
CA ILE D 79 -8.26 5.65 11.18
C ILE D 79 -8.04 6.97 10.48
N PHE D 80 -7.20 7.83 11.07
CA PHE D 80 -6.86 9.11 10.48
C PHE D 80 -5.34 9.15 10.31
N LEU D 81 -4.88 9.08 9.07
CA LEU D 81 -3.45 9.12 8.76
C LEU D 81 -2.99 10.53 8.41
N ALA D 82 -1.76 10.89 8.77
CA ALA D 82 -1.26 12.21 8.43
C ALA D 82 -0.66 12.19 7.02
N ASP D 83 -0.39 10.98 6.53
CA ASP D 83 0.21 10.76 5.21
C ASP D 83 -0.35 9.43 4.68
N ILE D 84 -1.13 9.52 3.60
CA ILE D 84 -1.74 8.32 3.00
C ILE D 84 -0.69 7.26 2.63
N ASN D 85 0.55 7.69 2.41
CA ASN D 85 1.59 6.74 2.07
C ASN D 85 1.97 5.79 3.22
N HIS D 86 1.44 6.05 4.41
CA HIS D 86 1.72 5.18 5.56
C HIS D 86 0.67 4.06 5.68
N PHE D 87 -0.30 4.07 4.77
CA PHE D 87 -1.40 3.10 4.73
C PHE D 87 -1.03 1.61 4.85
N ALA D 88 -0.17 1.14 3.94
CA ALA D 88 0.23 -0.27 3.91
C ALA D 88 0.95 -0.69 5.19
N GLU D 89 1.88 0.14 5.64
CA GLU D 89 2.61 -0.17 6.85
C GLU D 89 1.67 -0.18 8.04
N PHE D 90 0.74 0.76 8.10
CA PHE D 90 -0.20 0.76 9.21
C PHE D 90 -1.04 -0.52 9.21
N ASN D 91 -1.58 -0.85 8.03
CA ASN D 91 -2.41 -2.02 7.85
C ASN D 91 -1.72 -3.29 8.36
N SER D 92 -0.40 -3.39 8.17
CA SER D 92 0.33 -4.58 8.62
C SER D 92 0.23 -4.78 10.14
N VAL D 93 0.50 -3.73 10.91
CA VAL D 93 0.41 -3.81 12.37
C VAL D 93 -1.05 -4.02 12.74
N TYR D 94 -1.93 -3.30 12.04
CA TYR D 94 -3.36 -3.41 12.28
C TYR D 94 -3.86 -4.86 12.12
N ALA D 95 -3.38 -5.54 11.10
CA ALA D 95 -3.80 -6.93 10.86
C ALA D 95 -3.36 -7.84 12.00
N LYS D 96 -2.23 -7.51 12.62
CA LYS D 96 -1.74 -8.32 13.74
C LYS D 96 -2.79 -8.43 14.83
N TYR D 97 -3.52 -7.35 15.04
CA TYR D 97 -4.51 -7.33 16.10
C TYR D 97 -5.95 -7.57 15.70
N PHE D 98 -6.29 -7.14 14.49
CA PHE D 98 -7.68 -7.27 14.05
C PHE D 98 -7.99 -8.20 12.92
N ASN D 99 -7.07 -9.08 12.55
CA ASN D 99 -7.37 -10.00 11.46
C ASN D 99 -8.29 -11.13 11.95
N THR D 100 -8.13 -11.51 13.21
CA THR D 100 -8.94 -12.58 13.80
C THR D 100 -10.41 -12.18 13.71
N HIS D 101 -10.71 -11.09 14.40
CA HIS D 101 -12.04 -10.48 14.47
C HIS D 101 -11.83 -9.24 13.62
N LYS D 102 -12.57 -9.10 12.54
CA LYS D 102 -12.40 -7.95 11.65
C LYS D 102 -13.53 -6.92 11.80
N PRO D 103 -13.37 -5.97 12.74
CA PRO D 103 -14.41 -4.96 12.91
C PRO D 103 -14.51 -4.13 11.66
N ALA D 104 -15.61 -3.38 11.51
CA ALA D 104 -15.77 -2.51 10.36
C ALA D 104 -14.70 -1.42 10.49
N ARG D 105 -14.32 -0.82 9.38
CA ARG D 105 -13.29 0.20 9.43
C ARG D 105 -13.39 1.23 8.32
N SER D 106 -12.85 2.40 8.60
CA SER D 106 -12.77 3.50 7.64
C SER D 106 -11.36 4.06 7.78
N CYS D 107 -10.79 4.58 6.71
CA CYS D 107 -9.44 5.14 6.76
C CYS D 107 -9.29 6.28 5.78
N VAL D 108 -8.82 7.41 6.29
CA VAL D 108 -8.59 8.59 5.45
C VAL D 108 -7.29 9.26 5.88
N ALA D 109 -6.72 10.06 4.99
CA ALA D 109 -5.53 10.80 5.32
C ALA D 109 -5.98 12.25 5.49
N VAL D 110 -5.60 12.86 6.60
CA VAL D 110 -5.95 14.24 6.88
C VAL D 110 -4.75 15.17 6.69
N ALA D 111 -4.95 16.46 6.89
CA ALA D 111 -3.85 17.40 6.71
C ALA D 111 -2.87 17.41 7.88
N ALA D 112 -3.37 17.30 9.11
CA ALA D 112 -2.52 17.32 10.28
C ALA D 112 -3.25 16.76 11.50
N LEU D 113 -2.48 16.40 12.52
CA LEU D 113 -3.02 15.83 13.74
C LEU D 113 -2.39 16.48 14.98
N PRO D 114 -3.02 16.33 16.16
CA PRO D 114 -2.48 16.92 17.37
C PRO D 114 -1.00 16.56 17.58
N LEU D 115 -0.20 17.52 18.02
CA LEU D 115 1.23 17.30 18.30
C LEU D 115 2.04 16.87 17.07
N GLY D 116 1.40 16.95 15.90
CA GLY D 116 2.05 16.58 14.65
C GLY D 116 2.30 15.09 14.46
N VAL D 117 1.50 14.25 15.12
CA VAL D 117 1.68 12.81 14.99
C VAL D 117 1.25 12.26 13.64
N ASP D 118 1.71 11.05 13.32
CA ASP D 118 1.40 10.45 12.03
C ASP D 118 0.06 9.75 11.94
N MET D 119 -0.59 9.51 13.06
CA MET D 119 -1.89 8.85 13.00
C MET D 119 -2.71 9.00 14.28
N GLU D 120 -4.01 8.82 14.13
CA GLU D 120 -4.94 8.91 15.24
C GLU D 120 -5.98 7.83 14.96
N MET D 121 -6.30 7.02 15.96
CA MET D 121 -7.27 5.93 15.82
C MET D 121 -8.36 6.00 16.89
N GLU D 122 -9.61 5.90 16.47
CA GLU D 122 -10.73 5.89 17.42
C GLU D 122 -11.49 4.60 17.18
N ALA D 123 -12.41 4.26 18.08
CA ALA D 123 -13.14 3.03 17.87
C ALA D 123 -14.40 2.98 18.70
N ILE D 124 -15.25 2.03 18.34
CA ILE D 124 -16.49 1.78 19.06
C ILE D 124 -16.41 0.29 19.44
N ALA D 125 -16.76 -0.04 20.68
CA ALA D 125 -16.71 -1.41 21.14
C ALA D 125 -17.91 -1.78 22.03
N ALA D 126 -18.08 -3.09 22.24
CA ALA D 126 -19.17 -3.60 23.05
C ALA D 126 -18.65 -4.04 24.41
N GLU D 127 -19.41 -3.77 25.48
CA GLU D 127 -19.02 -4.17 26.83
C GLU D 127 -19.64 -5.56 27.04
N LEU E 5 -22.73 -9.28 18.53
CA LEU E 5 -21.66 -8.87 17.56
C LEU E 5 -21.64 -9.80 16.36
N THR E 6 -22.17 -9.32 15.24
CA THR E 6 -22.26 -10.11 14.03
C THR E 6 -21.54 -9.52 12.83
N PRO E 7 -20.39 -10.09 12.46
CA PRO E 7 -19.62 -9.59 11.32
C PRO E 7 -20.46 -9.77 10.06
N VAL E 8 -20.24 -8.92 9.07
CA VAL E 8 -20.98 -9.04 7.83
C VAL E 8 -20.09 -9.03 6.59
N ILE E 9 -20.12 -10.13 5.86
CA ILE E 9 -19.33 -10.23 4.64
C ILE E 9 -20.33 -10.28 3.48
N CYS E 10 -20.15 -9.35 2.55
CA CYS E 10 -21.02 -9.19 1.38
C CYS E 10 -20.26 -9.51 0.09
N GLU E 11 -20.61 -10.63 -0.56
CA GLU E 11 -19.94 -11.02 -1.80
C GLU E 11 -20.10 -9.97 -2.90
N SER E 12 -21.22 -9.25 -2.90
CA SER E 12 -21.45 -8.22 -3.91
C SER E 12 -20.57 -6.99 -3.64
N ALA E 13 -19.92 -6.99 -2.48
CA ALA E 13 -19.05 -5.89 -2.10
C ALA E 13 -17.62 -6.10 -2.53
N PRO E 14 -16.89 -5.00 -2.79
CA PRO E 14 -15.49 -5.16 -3.21
C PRO E 14 -14.75 -5.86 -2.06
N ALA E 15 -13.63 -6.50 -2.35
CA ALA E 15 -12.87 -7.18 -1.31
C ALA E 15 -12.25 -6.14 -0.37
N ALA E 16 -12.26 -6.41 0.94
CA ALA E 16 -11.70 -5.48 1.90
C ALA E 16 -10.23 -5.20 1.57
N ALA E 17 -9.86 -3.92 1.57
CA ALA E 17 -8.50 -3.49 1.28
C ALA E 17 -7.57 -3.75 2.45
N ALA E 18 -8.15 -4.13 3.58
CA ALA E 18 -7.39 -4.43 4.79
C ALA E 18 -8.21 -5.37 5.66
N SER E 19 -7.74 -5.63 6.87
CA SER E 19 -8.42 -6.55 7.77
C SER E 19 -9.70 -6.00 8.41
N TYR E 20 -10.78 -5.99 7.64
CA TYR E 20 -12.06 -5.51 8.15
C TYR E 20 -13.24 -6.20 7.46
N SER E 21 -14.37 -6.26 8.15
CA SER E 21 -15.58 -6.87 7.57
C SER E 21 -16.28 -5.72 6.84
N HIS E 22 -17.18 -6.04 5.92
CA HIS E 22 -17.89 -4.99 5.20
C HIS E 22 -18.78 -4.25 6.17
N ALA E 23 -19.19 -4.95 7.23
CA ALA E 23 -20.05 -4.34 8.24
C ALA E 23 -19.97 -5.18 9.50
N MET E 24 -20.37 -4.60 10.63
CA MET E 24 -20.38 -5.29 11.89
C MET E 24 -21.65 -4.84 12.60
N LYS E 25 -22.43 -5.81 13.06
CA LYS E 25 -23.66 -5.53 13.74
C LYS E 25 -23.49 -5.70 15.23
N VAL E 26 -23.91 -4.70 15.98
CA VAL E 26 -23.84 -4.79 17.42
C VAL E 26 -25.33 -4.78 17.75
N ASN E 27 -25.87 -5.97 17.97
CA ASN E 27 -27.29 -6.13 18.22
C ASN E 27 -28.00 -5.59 16.99
N ASN E 28 -28.88 -4.59 17.15
CA ASN E 28 -29.63 -4.06 16.00
C ASN E 28 -28.95 -2.93 15.23
N LEU E 29 -27.80 -2.47 15.69
CA LEU E 29 -27.10 -1.39 14.99
C LEU E 29 -26.05 -1.95 14.04
N ILE E 30 -25.99 -1.40 12.84
CA ILE E 30 -25.04 -1.85 11.83
C ILE E 30 -24.02 -0.77 11.47
N PHE E 31 -22.75 -1.07 11.69
CA PHE E 31 -21.70 -0.14 11.33
C PHE E 31 -21.06 -0.63 10.06
N LEU E 32 -21.14 0.19 9.01
CA LEU E 32 -20.56 -0.18 7.72
C LEU E 32 -19.19 0.42 7.50
N SER E 33 -18.33 -0.34 6.85
CA SER E 33 -16.97 0.12 6.55
C SER E 33 -17.02 1.14 5.43
N GLY E 34 -15.94 1.92 5.31
CA GLY E 34 -15.86 2.94 4.27
C GLY E 34 -15.76 2.36 2.88
N GLN E 35 -16.65 2.82 1.99
CA GLN E 35 -16.66 2.36 0.61
C GLN E 35 -16.06 3.41 -0.30
N ILE E 36 -15.30 2.97 -1.29
CA ILE E 36 -14.69 3.86 -2.25
C ILE E 36 -15.21 3.44 -3.63
N PRO E 37 -15.06 4.27 -4.66
CA PRO E 37 -15.57 3.89 -5.99
C PRO E 37 -15.49 2.38 -6.22
N VAL E 38 -14.45 1.91 -6.88
CA VAL E 38 -14.26 0.46 -7.07
C VAL E 38 -15.49 -0.44 -7.32
N THR E 39 -15.51 -1.10 -8.47
CA THR E 39 -16.60 -2.00 -8.82
C THR E 39 -16.46 -3.28 -7.99
N PRO E 40 -17.49 -4.15 -7.98
CA PRO E 40 -17.43 -5.39 -7.21
C PRO E 40 -16.32 -6.33 -7.71
N ASP E 41 -15.77 -6.02 -8.88
CA ASP E 41 -14.70 -6.82 -9.45
C ASP E 41 -13.37 -6.21 -9.04
N ASN E 42 -13.34 -5.66 -7.84
CA ASN E 42 -12.14 -5.03 -7.27
C ASN E 42 -11.45 -4.07 -8.24
N LYS E 43 -12.23 -3.50 -9.16
CA LYS E 43 -11.71 -2.56 -10.16
C LYS E 43 -12.16 -1.13 -9.86
N LEU E 44 -11.29 -0.15 -10.14
CA LEU E 44 -11.60 1.25 -9.89
C LEU E 44 -12.56 1.85 -10.91
N VAL E 45 -13.35 2.82 -10.47
CA VAL E 45 -14.31 3.50 -11.35
C VAL E 45 -13.63 4.71 -11.98
N GLU E 46 -13.84 4.91 -13.28
CA GLU E 46 -13.25 6.03 -13.98
C GLU E 46 -14.35 6.89 -14.58
N GLY E 47 -14.18 8.21 -14.53
CA GLY E 47 -15.18 9.08 -15.11
C GLY E 47 -15.50 10.33 -14.31
N SER E 48 -16.78 10.63 -14.23
CA SER E 48 -17.24 11.81 -13.53
C SER E 48 -17.43 11.54 -12.04
N ILE E 49 -17.52 12.63 -11.27
CA ILE E 49 -17.72 12.53 -9.84
C ILE E 49 -19.04 11.79 -9.63
N ALA E 50 -20.05 12.13 -10.44
CA ALA E 50 -21.35 11.48 -10.34
C ALA E 50 -21.24 9.99 -10.61
N ASP E 51 -20.35 9.63 -11.54
CA ASP E 51 -20.16 8.21 -11.85
C ASP E 51 -19.57 7.47 -10.66
N LYS E 52 -18.64 8.11 -9.99
CA LYS E 52 -17.99 7.50 -8.83
C LYS E 52 -18.94 7.43 -7.62
N ALA E 53 -19.75 8.47 -7.42
CA ALA E 53 -20.69 8.49 -6.31
C ALA E 53 -21.69 7.35 -6.45
N GLU E 54 -22.09 7.09 -7.69
CA GLU E 54 -23.02 6.02 -7.99
C GLU E 54 -22.56 4.63 -7.49
N GLN E 55 -21.33 4.25 -7.83
CA GLN E 55 -20.84 2.94 -7.41
C GLN E 55 -20.71 2.86 -5.90
N VAL E 56 -20.21 3.93 -5.30
CA VAL E 56 -20.05 3.98 -3.86
C VAL E 56 -21.38 3.69 -3.15
N ILE E 57 -22.42 4.43 -3.53
CA ILE E 57 -23.71 4.22 -2.90
C ILE E 57 -24.24 2.83 -3.25
N GLN E 58 -23.83 2.30 -4.38
CA GLN E 58 -24.26 0.95 -4.76
C GLN E 58 -23.62 -0.09 -3.84
N ASN E 59 -22.35 0.13 -3.52
CA ASN E 59 -21.65 -0.79 -2.64
C ASN E 59 -22.30 -0.73 -1.26
N ILE E 60 -22.64 0.47 -0.82
CA ILE E 60 -23.29 0.65 0.48
C ILE E 60 -24.63 -0.09 0.51
N LYS E 61 -25.41 0.04 -0.55
CA LYS E 61 -26.72 -0.62 -0.62
C LYS E 61 -26.60 -2.15 -0.49
N ASN E 62 -25.66 -2.73 -1.24
CA ASN E 62 -25.45 -4.18 -1.18
C ASN E 62 -25.06 -4.62 0.22
N VAL E 63 -24.15 -3.88 0.86
CA VAL E 63 -23.71 -4.22 2.20
C VAL E 63 -24.88 -4.12 3.18
N LEU E 64 -25.74 -3.13 2.97
CA LEU E 64 -26.91 -2.96 3.82
C LEU E 64 -27.82 -4.18 3.68
N GLU E 65 -28.00 -4.62 2.44
CA GLU E 65 -28.85 -5.78 2.16
C GLU E 65 -28.32 -7.01 2.88
N ALA E 66 -27.01 -7.24 2.76
CA ALA E 66 -26.38 -8.38 3.39
C ALA E 66 -26.45 -8.28 4.91
N SER E 67 -26.61 -7.07 5.42
CA SER E 67 -26.68 -6.85 6.86
C SER E 67 -28.13 -6.89 7.34
N ASN E 68 -29.05 -7.25 6.44
CA ASN E 68 -30.46 -7.33 6.78
C ASN E 68 -30.98 -5.93 7.08
N SER E 69 -30.63 -4.98 6.22
CA SER E 69 -31.04 -3.60 6.40
C SER E 69 -31.32 -3.02 5.03
N SER E 70 -31.55 -1.71 4.99
CA SER E 70 -31.84 -1.00 3.74
C SER E 70 -31.36 0.44 3.80
N LEU E 71 -31.38 1.11 2.65
CA LEU E 71 -30.96 2.51 2.60
C LEU E 71 -31.90 3.36 3.43
N ASP E 72 -33.17 2.95 3.47
CA ASP E 72 -34.19 3.67 4.21
C ASP E 72 -34.05 3.45 5.70
N ARG E 73 -33.06 2.62 6.09
CA ARG E 73 -32.83 2.35 7.49
C ARG E 73 -31.48 2.91 7.95
N VAL E 74 -30.87 3.71 7.09
CA VAL E 74 -29.58 4.32 7.41
C VAL E 74 -29.84 5.45 8.40
N VAL E 75 -28.98 5.52 9.42
CA VAL E 75 -29.09 6.49 10.49
C VAL E 75 -28.18 7.67 10.30
N LYS E 76 -26.93 7.38 9.95
CA LYS E 76 -25.91 8.40 9.78
C LYS E 76 -24.92 8.03 8.68
N VAL E 77 -24.53 9.04 7.90
CA VAL E 77 -23.58 8.90 6.80
C VAL E 77 -22.44 9.89 6.97
N ASN E 78 -21.22 9.43 6.70
CA ASN E 78 -20.04 10.29 6.77
C ASN E 78 -19.40 10.20 5.42
N ILE E 79 -19.15 11.36 4.82
CA ILE E 79 -18.55 11.41 3.50
C ILE E 79 -17.23 12.14 3.59
N PHE E 80 -16.21 11.58 2.95
CA PHE E 80 -14.89 12.21 2.93
C PHE E 80 -14.57 12.42 1.46
N LEU E 81 -14.23 13.66 1.10
CA LEU E 81 -13.90 13.99 -0.29
C LEU E 81 -12.45 14.38 -0.41
N ALA E 82 -11.82 14.00 -1.53
CA ALA E 82 -10.43 14.35 -1.77
C ALA E 82 -10.32 15.83 -2.22
N ASP E 83 -11.42 16.40 -2.67
CA ASP E 83 -11.44 17.81 -3.08
C ASP E 83 -12.76 18.46 -2.69
N ILE E 84 -12.70 19.52 -1.89
CA ILE E 84 -13.93 20.20 -1.44
C ILE E 84 -14.79 20.67 -2.62
N ASN E 85 -14.13 21.08 -3.70
CA ASN E 85 -14.84 21.54 -4.88
C ASN E 85 -15.76 20.49 -5.50
N HIS E 86 -15.69 19.27 -4.99
CA HIS E 86 -16.53 18.18 -5.50
C HIS E 86 -17.82 18.04 -4.67
N PHE E 87 -17.94 18.90 -3.66
CA PHE E 87 -19.12 18.87 -2.79
C PHE E 87 -20.42 18.93 -3.59
N ALA E 88 -20.62 20.01 -4.34
CA ALA E 88 -21.85 20.18 -5.11
C ALA E 88 -22.18 18.98 -5.98
N GLU E 89 -21.25 18.57 -6.82
CA GLU E 89 -21.49 17.44 -7.70
C GLU E 89 -21.83 16.19 -6.91
N PHE E 90 -21.14 15.97 -5.80
CA PHE E 90 -21.43 14.80 -5.01
C PHE E 90 -22.84 14.96 -4.42
N ASN E 91 -23.10 16.10 -3.81
CA ASN E 91 -24.43 16.33 -3.21
C ASN E 91 -25.51 16.00 -4.26
N SER E 92 -25.28 16.42 -5.50
CA SER E 92 -26.23 16.17 -6.59
C SER E 92 -26.65 14.71 -6.72
N VAL E 93 -25.70 13.79 -6.72
CA VAL E 93 -26.00 12.36 -6.83
C VAL E 93 -26.62 11.80 -5.54
N TYR E 94 -26.05 12.22 -4.42
CA TYR E 94 -26.50 11.78 -3.09
C TYR E 94 -28.01 12.00 -2.91
N ALA E 95 -28.46 13.16 -3.36
CA ALA E 95 -29.87 13.56 -3.24
C ALA E 95 -30.85 12.62 -3.93
N LYS E 96 -30.38 11.90 -4.94
CA LYS E 96 -31.25 10.96 -5.65
C LYS E 96 -31.51 9.71 -4.80
N TYR E 97 -30.60 9.40 -3.89
CA TYR E 97 -30.74 8.21 -3.06
C TYR E 97 -31.37 8.47 -1.70
N PHE E 98 -31.22 9.68 -1.19
CA PHE E 98 -31.80 10.01 0.09
C PHE E 98 -32.63 11.26 -0.10
N ASN E 99 -33.93 11.05 -0.24
CA ASN E 99 -34.89 12.13 -0.47
C ASN E 99 -36.00 11.99 0.55
N THR E 100 -36.75 10.90 0.45
CA THR E 100 -37.84 10.63 1.37
C THR E 100 -37.21 10.38 2.74
N HIS E 101 -36.12 9.60 2.75
CA HIS E 101 -35.39 9.29 3.98
C HIS E 101 -34.11 10.11 3.97
N LYS E 102 -33.87 10.85 5.05
CA LYS E 102 -32.68 11.69 5.13
C LYS E 102 -31.88 11.43 6.39
N PRO E 103 -30.83 10.59 6.27
CA PRO E 103 -30.02 10.29 7.45
C PRO E 103 -29.25 11.53 7.91
N ALA E 104 -28.72 11.47 9.13
CA ALA E 104 -27.87 12.55 9.60
C ALA E 104 -26.65 12.39 8.68
N ARG E 105 -25.87 13.45 8.52
CA ARG E 105 -24.71 13.39 7.64
C ARG E 105 -23.67 14.44 7.99
N SER E 106 -22.42 14.13 7.62
CA SER E 106 -21.32 15.04 7.81
C SER E 106 -20.45 14.85 6.57
N CYS E 107 -19.72 15.90 6.20
CA CYS E 107 -18.87 15.86 5.02
C CYS E 107 -17.68 16.77 5.18
N VAL E 108 -16.50 16.21 4.93
CA VAL E 108 -15.30 16.99 5.03
C VAL E 108 -14.43 16.61 3.87
N ALA E 109 -13.51 17.51 3.54
CA ALA E 109 -12.56 17.29 2.47
C ALA E 109 -11.27 16.90 3.19
N VAL E 110 -10.73 15.74 2.83
CA VAL E 110 -9.50 15.26 3.45
C VAL E 110 -8.33 15.41 2.48
N ALA E 111 -7.11 15.13 2.95
CA ALA E 111 -5.93 15.27 2.11
C ALA E 111 -5.78 14.16 1.05
N ALA E 112 -6.07 12.93 1.43
CA ALA E 112 -5.93 11.81 0.49
C ALA E 112 -6.76 10.63 0.95
N LEU E 113 -7.04 9.72 0.04
CA LEU E 113 -7.83 8.52 0.32
C LEU E 113 -7.08 7.33 -0.24
N PRO E 114 -7.43 6.12 0.22
CA PRO E 114 -6.77 4.90 -0.27
C PRO E 114 -6.87 4.85 -1.80
N LEU E 115 -5.79 4.44 -2.45
CA LEU E 115 -5.73 4.32 -3.91
C LEU E 115 -5.90 5.62 -4.68
N GLY E 116 -5.88 6.75 -3.97
CA GLY E 116 -6.02 8.03 -4.62
C GLY E 116 -7.42 8.38 -5.12
N VAL E 117 -8.43 7.70 -4.60
CA VAL E 117 -9.82 7.95 -5.00
C VAL E 117 -10.30 9.32 -4.54
N ASP E 118 -11.41 9.78 -5.13
CA ASP E 118 -11.94 11.10 -4.81
C ASP E 118 -12.98 11.12 -3.71
N MET E 119 -13.33 9.96 -3.16
CA MET E 119 -14.35 9.89 -2.11
C MET E 119 -14.38 8.58 -1.36
N GLU E 120 -14.86 8.64 -0.13
CA GLU E 120 -15.03 7.47 0.72
C GLU E 120 -16.27 7.78 1.55
N MET E 121 -17.18 6.82 1.63
CA MET E 121 -18.44 6.96 2.39
C MET E 121 -18.69 5.79 3.34
N GLU E 122 -18.98 6.11 4.59
CA GLU E 122 -19.29 5.09 5.59
C GLU E 122 -20.69 5.40 6.10
N ALA E 123 -21.31 4.45 6.78
CA ALA E 123 -22.65 4.66 7.30
C ALA E 123 -22.97 3.82 8.53
N ILE E 124 -24.05 4.19 9.21
CA ILE E 124 -24.53 3.45 10.35
C ILE E 124 -26.00 3.27 10.03
N ALA E 125 -26.48 2.04 10.20
CA ALA E 125 -27.86 1.75 9.88
C ALA E 125 -28.50 0.88 10.94
N ALA E 126 -29.83 0.75 10.84
CA ALA E 126 -30.58 -0.05 11.80
C ALA E 126 -31.04 -1.34 11.15
N GLU E 127 -30.96 -2.43 11.91
CA GLU E 127 -31.44 -3.72 11.41
C GLU E 127 -32.85 -3.84 11.98
N THR F 4 20.25 -31.54 -14.46
CA THR F 4 21.30 -31.33 -13.41
C THR F 4 21.80 -29.87 -13.44
N LEU F 5 22.23 -29.39 -12.28
CA LEU F 5 22.74 -28.03 -12.17
C LEU F 5 24.24 -28.08 -12.15
N THR F 6 24.88 -27.30 -13.02
CA THR F 6 26.33 -27.30 -13.12
C THR F 6 26.91 -25.94 -12.72
N PRO F 7 27.66 -25.89 -11.61
CA PRO F 7 28.29 -24.67 -11.11
C PRO F 7 29.45 -24.30 -12.03
N VAL F 8 29.73 -23.02 -12.16
CA VAL F 8 30.85 -22.59 -12.98
C VAL F 8 31.76 -21.74 -12.14
N ILE F 9 33.03 -22.14 -12.11
CA ILE F 9 34.05 -21.40 -11.39
C ILE F 9 34.98 -20.83 -12.46
N CYS F 10 35.15 -19.52 -12.47
CA CYS F 10 36.00 -18.87 -13.45
C CYS F 10 37.25 -18.31 -12.79
N GLU F 11 38.39 -18.90 -13.08
CA GLU F 11 39.66 -18.46 -12.50
C GLU F 11 40.06 -17.05 -12.92
N SER F 12 39.57 -16.59 -14.07
CA SER F 12 39.90 -15.26 -14.59
C SER F 12 39.02 -14.13 -14.05
N ALA F 13 37.98 -14.48 -13.29
CA ALA F 13 37.07 -13.48 -12.74
C ALA F 13 37.43 -13.15 -11.29
N PRO F 14 36.97 -11.99 -10.78
CA PRO F 14 37.26 -11.62 -9.40
C PRO F 14 36.67 -12.72 -8.50
N ALA F 15 37.21 -12.89 -7.31
CA ALA F 15 36.67 -13.89 -6.40
C ALA F 15 35.28 -13.43 -5.99
N ALA F 16 34.37 -14.38 -5.77
CA ALA F 16 33.00 -14.07 -5.33
C ALA F 16 33.05 -13.37 -3.97
N ALA F 17 32.20 -12.34 -3.78
CA ALA F 17 32.16 -11.58 -2.53
C ALA F 17 31.30 -12.23 -1.45
N ALA F 18 30.54 -13.25 -1.85
CA ALA F 18 29.65 -13.96 -0.94
C ALA F 18 29.58 -15.42 -1.39
N SER F 19 28.70 -16.20 -0.78
CA SER F 19 28.58 -17.62 -1.11
C SER F 19 27.83 -17.90 -2.42
N TYR F 20 28.49 -17.65 -3.54
CA TYR F 20 27.89 -17.87 -4.86
C TYR F 20 28.93 -18.31 -5.88
N SER F 21 28.46 -18.98 -6.94
CA SER F 21 29.34 -19.45 -8.04
C SER F 21 29.33 -18.32 -9.06
N HIS F 22 30.37 -18.23 -9.88
CA HIS F 22 30.42 -17.19 -10.92
C HIS F 22 29.21 -17.30 -11.85
N ALA F 23 28.80 -18.54 -12.10
CA ALA F 23 27.64 -18.82 -12.95
C ALA F 23 27.07 -20.18 -12.56
N MET F 24 25.85 -20.42 -12.98
CA MET F 24 25.19 -21.70 -12.75
C MET F 24 24.44 -22.08 -14.02
N LYS F 25 24.69 -23.29 -14.50
CA LYS F 25 24.04 -23.81 -15.70
C LYS F 25 22.88 -24.73 -15.33
N VAL F 26 21.76 -24.59 -16.03
CA VAL F 26 20.62 -25.45 -15.82
C VAL F 26 20.16 -25.78 -17.23
N ASN F 27 20.26 -27.06 -17.58
CA ASN F 27 19.92 -27.49 -18.92
C ASN F 27 20.78 -26.68 -19.92
N ASN F 28 20.14 -25.96 -20.82
CA ASN F 28 20.85 -25.17 -21.83
C ASN F 28 21.14 -23.72 -21.44
N LEU F 29 20.64 -23.29 -20.29
CA LEU F 29 20.80 -21.91 -19.86
C LEU F 29 21.89 -21.66 -18.83
N ILE F 30 22.48 -20.47 -18.90
CA ILE F 30 23.52 -20.10 -17.97
C ILE F 30 23.12 -18.82 -17.25
N PHE F 31 23.11 -18.86 -15.93
CA PHE F 31 22.79 -17.68 -15.14
C PHE F 31 24.08 -17.18 -14.52
N LEU F 32 24.48 -15.98 -14.93
CA LEU F 32 25.71 -15.39 -14.45
C LEU F 32 25.48 -14.48 -13.26
N SER F 33 26.42 -14.53 -12.32
CA SER F 33 26.36 -13.68 -11.14
C SER F 33 26.69 -12.24 -11.51
N GLY F 34 26.24 -11.30 -10.69
CA GLY F 34 26.52 -9.89 -10.94
C GLY F 34 28.02 -9.65 -10.90
N GLN F 35 28.52 -8.90 -11.87
CA GLN F 35 29.93 -8.56 -11.94
C GLN F 35 30.12 -7.07 -11.69
N ILE F 36 31.21 -6.71 -11.01
CA ILE F 36 31.48 -5.31 -10.73
C ILE F 36 32.84 -4.91 -11.30
N PRO F 37 33.13 -3.60 -11.39
CA PRO F 37 34.41 -3.13 -11.93
C PRO F 37 35.57 -3.41 -10.99
N VAL F 38 35.96 -4.67 -10.97
CA VAL F 38 37.04 -5.17 -10.14
C VAL F 38 37.91 -6.06 -11.01
N THR F 39 39.21 -5.83 -10.92
CA THR F 39 40.16 -6.60 -11.70
C THR F 39 40.21 -8.05 -11.18
N PRO F 40 40.72 -8.99 -12.00
CA PRO F 40 40.78 -10.36 -11.51
C PRO F 40 41.72 -10.55 -10.32
N ASP F 41 42.54 -9.55 -10.04
CA ASP F 41 43.47 -9.58 -8.90
C ASP F 41 42.70 -9.01 -7.71
N ASN F 42 41.40 -8.85 -7.91
CA ASN F 42 40.51 -8.34 -6.88
C ASN F 42 40.76 -6.90 -6.43
N LYS F 43 41.17 -6.03 -7.35
CA LYS F 43 41.42 -4.63 -7.02
C LYS F 43 40.38 -3.78 -7.74
N LEU F 44 39.88 -2.74 -7.06
CA LEU F 44 38.88 -1.85 -7.64
C LEU F 44 39.46 -1.07 -8.83
N VAL F 45 38.70 -0.98 -9.91
CA VAL F 45 39.12 -0.24 -11.09
C VAL F 45 38.97 1.25 -10.80
N GLU F 46 40.02 2.02 -11.09
CA GLU F 46 40.00 3.46 -10.88
C GLU F 46 39.96 4.14 -12.25
N GLY F 47 39.24 5.25 -12.35
CA GLY F 47 39.17 5.94 -13.62
C GLY F 47 37.80 6.37 -14.08
N SER F 48 37.57 6.31 -15.39
CA SER F 48 36.30 6.73 -15.98
C SER F 48 35.24 5.64 -15.96
N ILE F 49 34.00 6.04 -16.23
CA ILE F 49 32.89 5.11 -16.29
C ILE F 49 33.20 4.13 -17.43
N ALA F 50 33.78 4.64 -18.51
CA ALA F 50 34.13 3.77 -19.62
C ALA F 50 35.15 2.72 -19.19
N ASP F 51 36.14 3.11 -18.37
CA ASP F 51 37.16 2.16 -17.92
C ASP F 51 36.54 1.06 -17.06
N LYS F 52 35.65 1.47 -16.18
CA LYS F 52 34.97 0.55 -15.26
C LYS F 52 34.04 -0.38 -16.04
N ALA F 53 33.32 0.18 -17.02
CA ALA F 53 32.39 -0.58 -17.85
C ALA F 53 33.17 -1.65 -18.60
N GLU F 54 34.36 -1.30 -19.08
CA GLU F 54 35.21 -2.23 -19.80
C GLU F 54 35.60 -3.44 -18.95
N GLN F 55 35.93 -3.19 -17.68
CA GLN F 55 36.33 -4.29 -16.79
C GLN F 55 35.12 -5.19 -16.50
N VAL F 56 33.98 -4.56 -16.24
CA VAL F 56 32.76 -5.33 -15.96
C VAL F 56 32.45 -6.29 -17.10
N ILE F 57 32.40 -5.78 -18.33
CA ILE F 57 32.09 -6.64 -19.47
C ILE F 57 33.17 -7.69 -19.72
N GLN F 58 34.42 -7.35 -19.44
CA GLN F 58 35.52 -8.30 -19.58
C GLN F 58 35.33 -9.47 -18.60
N ASN F 59 34.93 -9.15 -17.37
CA ASN F 59 34.68 -10.19 -16.36
C ASN F 59 33.54 -11.07 -16.86
N ILE F 60 32.46 -10.44 -17.35
CA ILE F 60 31.33 -11.20 -17.89
C ILE F 60 31.80 -12.09 -19.05
N LYS F 61 32.62 -11.54 -19.94
CA LYS F 61 33.10 -12.30 -21.08
C LYS F 61 33.86 -13.55 -20.62
N ASN F 62 34.74 -13.36 -19.66
CA ASN F 62 35.55 -14.44 -19.10
C ASN F 62 34.67 -15.53 -18.50
N VAL F 63 33.64 -15.13 -17.76
CA VAL F 63 32.73 -16.10 -17.14
C VAL F 63 31.96 -16.85 -18.24
N LEU F 64 31.54 -16.14 -19.29
CA LEU F 64 30.84 -16.79 -20.39
C LEU F 64 31.73 -17.87 -21.02
N GLU F 65 33.00 -17.53 -21.24
CA GLU F 65 33.96 -18.46 -21.83
C GLU F 65 34.07 -19.70 -20.94
N ALA F 66 34.17 -19.47 -19.64
CA ALA F 66 34.28 -20.57 -18.69
C ALA F 66 33.01 -21.43 -18.61
N SER F 67 31.88 -20.88 -19.06
CA SER F 67 30.60 -21.59 -19.01
C SER F 67 30.25 -22.22 -20.36
N ASN F 68 31.22 -22.24 -21.28
CA ASN F 68 31.01 -22.79 -22.62
C ASN F 68 29.95 -21.96 -23.36
N SER F 69 30.11 -20.64 -23.29
CA SER F 69 29.20 -19.72 -23.97
C SER F 69 30.03 -18.57 -24.51
N SER F 70 29.36 -17.50 -24.94
CA SER F 70 30.07 -16.35 -25.53
C SER F 70 29.16 -15.15 -25.48
N LEU F 71 29.70 -13.97 -25.77
CA LEU F 71 28.89 -12.77 -25.76
C LEU F 71 27.72 -12.88 -26.75
N ASP F 72 27.98 -13.45 -27.92
CA ASP F 72 26.95 -13.58 -28.96
C ASP F 72 25.84 -14.57 -28.58
N ARG F 73 26.00 -15.25 -27.44
CA ARG F 73 24.97 -16.18 -26.98
C ARG F 73 24.25 -15.63 -25.73
N VAL F 74 24.52 -14.37 -25.36
CA VAL F 74 23.85 -13.75 -24.19
C VAL F 74 22.40 -13.44 -24.57
N VAL F 75 21.48 -13.86 -23.71
CA VAL F 75 20.06 -13.66 -23.96
C VAL F 75 19.47 -12.45 -23.26
N LYS F 76 19.90 -12.17 -22.03
CA LYS F 76 19.34 -11.07 -21.26
C LYS F 76 20.42 -10.49 -20.36
N VAL F 77 20.44 -9.18 -20.24
CA VAL F 77 21.41 -8.49 -19.40
C VAL F 77 20.69 -7.52 -18.48
N ASN F 78 21.10 -7.46 -17.21
CA ASN F 78 20.55 -6.49 -16.28
C ASN F 78 21.70 -5.64 -15.80
N ILE F 79 21.53 -4.33 -15.95
CA ILE F 79 22.51 -3.32 -15.55
C ILE F 79 22.02 -2.52 -14.35
N PHE F 80 22.87 -2.42 -13.33
CA PHE F 80 22.54 -1.62 -12.15
C PHE F 80 23.61 -0.53 -12.05
N LEU F 81 23.17 0.70 -12.19
CA LEU F 81 24.09 1.83 -12.11
C LEU F 81 24.01 2.51 -10.74
N ALA F 82 25.14 3.06 -10.29
CA ALA F 82 25.16 3.77 -9.01
C ALA F 82 24.66 5.20 -9.23
N ASP F 83 24.68 5.63 -10.49
CA ASP F 83 24.26 6.98 -10.87
C ASP F 83 23.66 6.94 -12.25
N ILE F 84 22.40 7.33 -12.37
CA ILE F 84 21.74 7.29 -13.66
C ILE F 84 22.44 8.16 -14.72
N ASN F 85 23.19 9.16 -14.28
CA ASN F 85 23.86 10.03 -15.23
C ASN F 85 24.99 9.34 -16.01
N HIS F 86 25.37 8.14 -15.57
CA HIS F 86 26.42 7.39 -16.29
C HIS F 86 25.83 6.55 -17.42
N PHE F 87 24.51 6.60 -17.57
CA PHE F 87 23.80 5.83 -18.58
C PHE F 87 24.39 5.90 -19.99
N ALA F 88 24.44 7.10 -20.56
CA ALA F 88 24.95 7.29 -21.91
C ALA F 88 26.38 6.79 -22.10
N GLU F 89 27.29 7.19 -21.23
CA GLU F 89 28.66 6.73 -21.38
C GLU F 89 28.73 5.20 -21.27
N PHE F 90 28.07 4.63 -20.26
CA PHE F 90 28.08 3.18 -20.13
C PHE F 90 27.56 2.54 -21.41
N ASN F 91 26.43 3.05 -21.91
CA ASN F 91 25.86 2.53 -23.14
C ASN F 91 26.83 2.52 -24.33
N SER F 92 27.69 3.53 -24.43
CA SER F 92 28.64 3.60 -25.56
C SER F 92 29.74 2.54 -25.50
N VAL F 93 30.06 2.06 -24.30
CA VAL F 93 31.05 0.99 -24.14
C VAL F 93 30.32 -0.34 -24.37
N TYR F 94 29.11 -0.44 -23.81
CA TYR F 94 28.27 -1.61 -23.94
C TYR F 94 28.08 -1.98 -25.42
N ALA F 95 27.87 -0.96 -26.24
CA ALA F 95 27.65 -1.14 -27.68
C ALA F 95 28.87 -1.76 -28.40
N LYS F 96 30.05 -1.64 -27.81
CA LYS F 96 31.24 -2.23 -28.41
C LYS F 96 31.14 -3.75 -28.35
N TYR F 97 30.46 -4.26 -27.32
CA TYR F 97 30.34 -5.71 -27.14
C TYR F 97 29.04 -6.33 -27.62
N PHE F 98 27.99 -5.52 -27.66
CA PHE F 98 26.69 -5.99 -28.13
C PHE F 98 26.24 -4.98 -29.17
N ASN F 99 26.57 -5.27 -30.42
CA ASN F 99 26.19 -4.40 -31.53
C ASN F 99 25.38 -5.26 -32.49
N THR F 100 26.06 -6.19 -33.16
CA THR F 100 25.35 -7.08 -34.09
C THR F 100 24.38 -7.97 -33.30
N HIS F 101 24.81 -8.43 -32.14
CA HIS F 101 23.98 -9.28 -31.28
C HIS F 101 23.49 -8.40 -30.13
N LYS F 102 22.17 -8.28 -30.02
CA LYS F 102 21.58 -7.42 -28.99
C LYS F 102 20.64 -8.15 -28.04
N PRO F 103 21.15 -8.52 -26.86
CA PRO F 103 20.36 -9.22 -25.84
C PRO F 103 19.22 -8.34 -25.34
N ALA F 104 18.22 -8.96 -24.72
CA ALA F 104 17.17 -8.18 -24.10
C ALA F 104 17.95 -7.51 -22.93
N ARG F 105 17.46 -6.39 -22.43
CA ARG F 105 18.15 -5.67 -21.36
C ARG F 105 17.24 -4.79 -20.52
N SER F 106 17.67 -4.57 -19.28
CA SER F 106 17.00 -3.67 -18.36
C SER F 106 18.13 -2.90 -17.70
N CYS F 107 17.84 -1.66 -17.31
CA CYS F 107 18.83 -0.81 -16.67
C CYS F 107 18.14 0.10 -15.66
N VAL F 108 18.68 0.15 -14.45
CA VAL F 108 18.12 1.01 -13.40
C VAL F 108 19.27 1.56 -12.60
N ALA F 109 19.02 2.64 -11.87
CA ALA F 109 20.06 3.22 -11.02
C ALA F 109 19.63 2.90 -9.59
N VAL F 110 20.50 2.23 -8.86
CA VAL F 110 20.19 1.86 -7.49
C VAL F 110 20.87 2.80 -6.52
N ALA F 111 20.63 2.59 -5.23
CA ALA F 111 21.22 3.45 -4.21
C ALA F 111 22.71 3.25 -3.96
N ALA F 112 23.12 1.99 -3.85
CA ALA F 112 24.53 1.66 -3.61
C ALA F 112 24.79 0.23 -4.06
N LEU F 113 26.04 -0.08 -4.34
CA LEU F 113 26.43 -1.41 -4.78
C LEU F 113 27.57 -1.89 -3.89
N PRO F 114 27.84 -3.21 -3.89
CA PRO F 114 28.93 -3.74 -3.06
C PRO F 114 30.25 -3.03 -3.36
N LEU F 115 31.01 -2.80 -2.30
CA LEU F 115 32.31 -2.15 -2.37
C LEU F 115 32.27 -0.70 -2.85
N GLY F 116 31.06 -0.13 -2.88
CA GLY F 116 30.90 1.25 -3.32
C GLY F 116 31.17 1.49 -4.80
N VAL F 117 31.08 0.44 -5.62
CA VAL F 117 31.34 0.55 -7.07
C VAL F 117 30.25 1.32 -7.84
N ASP F 118 30.58 1.72 -9.06
CA ASP F 118 29.68 2.49 -9.91
C ASP F 118 28.66 1.71 -10.75
N MET F 119 28.78 0.39 -10.81
CA MET F 119 27.88 -0.43 -11.62
C MET F 119 28.04 -1.91 -11.31
N GLU F 120 26.99 -2.67 -11.64
CA GLU F 120 26.95 -4.12 -11.50
C GLU F 120 26.15 -4.64 -12.68
N MET F 121 26.68 -5.65 -13.36
CA MET F 121 26.02 -6.23 -14.51
C MET F 121 25.89 -7.75 -14.36
N GLU F 122 24.70 -8.26 -14.61
CA GLU F 122 24.46 -9.70 -14.57
C GLU F 122 23.90 -10.09 -15.93
N ALA F 123 23.82 -11.38 -16.20
CA ALA F 123 23.32 -11.82 -17.49
C ALA F 123 22.85 -13.25 -17.47
N ILE F 124 22.19 -13.60 -18.56
CA ILE F 124 21.70 -14.95 -18.76
C ILE F 124 22.13 -15.25 -20.18
N ALA F 125 22.68 -16.45 -20.40
CA ALA F 125 23.17 -16.84 -21.72
C ALA F 125 22.81 -18.28 -22.08
N ALA F 126 22.95 -18.59 -23.37
CA ALA F 126 22.68 -19.93 -23.85
C ALA F 126 24.00 -20.66 -24.02
N GLU F 127 24.05 -21.92 -23.63
CA GLU F 127 25.28 -22.66 -23.81
C GLU F 127 25.44 -22.95 -25.31
N ARG F 128 26.68 -22.99 -25.78
CA ARG F 128 27.08 -23.30 -27.16
C ARG F 128 26.16 -24.34 -27.76
#